data_2WOG
#
_entry.id   2WOG
#
_cell.length_a   96.500
_cell.length_b   96.500
_cell.length_c   124.441
_cell.angle_alpha   90.00
_cell.angle_beta   90.00
_cell.angle_gamma   120.00
#
_symmetry.space_group_name_H-M   'P 32'
#
loop_
_entity.id
_entity.type
_entity.pdbx_description
1 polymer 'KINESIN-LIKE PROTEIN KIF11'
2 non-polymer "ADENOSINE-5'-DIPHOSPHATE"
3 non-polymer 'MAGNESIUM ION'
4 non-polymer S-TRITYL-L-CYSTEINE
5 water water
#
_entity_poly.entity_id   1
_entity_poly.type   'polypeptide(L)'
_entity_poly.pdbx_seq_one_letter_code
;MASQPNSSAKKKEEKGKNIQVVVRCRPFNLAERKASAHSIVECDPVRKEVSVRTGGLADKSSRKTYTFDMVFGASTKQID
VYRSVVCPILDEVIMGYNCTIFAYGQTGTGKTFTMEGERSPNEEYTWEEDPLAGIIPRTLHQIFEKLTDNGTEFSVKVSL
LEIYNEELFDLLNPSSDVSERLQMFDDPRNKRGVIIKGLEEITVHNKDEVYQILEKGAAKRTTAATLMNAYSSRSHSVFS
VTIHMKETTIDGEELVKIGKLNLVDLAGSENIGRSGAVDKRAREAGNINQSLLTLGRVITALVERTPHVPYRESKLTRIL
QDSLGGRTRTSIIATISPASLNLEETLSTLEYAHRAKNILNKPEVNQK
;
_entity_poly.pdbx_strand_id   A,B,C
#
# COMPACT_ATOMS: atom_id res chain seq x y z
N LYS A 17 -3.68 10.54 -22.57
CA LYS A 17 -2.36 9.86 -22.35
C LYS A 17 -2.38 8.43 -22.90
N ASN A 18 -1.39 8.03 -23.71
CA ASN A 18 -1.33 6.63 -24.13
C ASN A 18 -1.12 5.69 -22.96
N ILE A 19 -1.74 4.52 -23.05
CA ILE A 19 -1.41 3.43 -22.13
C ILE A 19 0.10 3.17 -22.26
N GLN A 20 0.82 3.06 -21.14
CA GLN A 20 2.24 2.71 -21.19
C GLN A 20 2.42 1.21 -21.09
N VAL A 21 3.33 0.68 -21.89
CA VAL A 21 3.49 -0.75 -21.98
C VAL A 21 4.96 -1.10 -21.80
N VAL A 22 5.23 -1.98 -20.83
CA VAL A 22 6.57 -2.46 -20.57
C VAL A 22 6.64 -3.97 -20.77
N VAL A 23 7.84 -4.47 -21.05
CA VAL A 23 8.07 -5.91 -21.18
C VAL A 23 9.04 -6.36 -20.10
N ARG A 24 8.71 -7.48 -19.47
CA ARG A 24 9.61 -8.15 -18.55
C ARG A 24 9.86 -9.56 -19.01
N CYS A 25 11.11 -9.87 -19.30
CA CYS A 25 11.51 -11.23 -19.60
C CYS A 25 12.04 -11.86 -18.31
N ARG A 26 11.61 -13.08 -18.01
CA ARG A 26 12.10 -13.80 -16.86
C ARG A 26 13.37 -14.55 -17.22
N PRO A 27 14.19 -14.90 -16.21
CA PRO A 27 15.33 -15.78 -16.48
C PRO A 27 14.87 -17.19 -16.83
N PHE A 28 15.74 -18.02 -17.41
CA PHE A 28 15.49 -19.47 -17.54
C PHE A 28 15.18 -20.14 -16.20
N ASN A 29 14.37 -21.21 -16.23
CA ASN A 29 14.17 -21.99 -15.01
C ASN A 29 14.99 -23.28 -15.11
N LEU A 30 15.00 -24.07 -14.05
CA LEU A 30 15.85 -25.27 -14.01
C LEU A 30 15.47 -26.28 -15.09
N ALA A 31 14.18 -26.49 -15.30
CA ALA A 31 13.73 -27.40 -16.35
C ALA A 31 14.17 -26.96 -17.77
N GLU A 32 14.14 -25.66 -18.03
CA GLU A 32 14.64 -25.15 -19.31
C GLU A 32 16.14 -25.42 -19.45
N ARG A 33 16.92 -25.09 -18.42
CA ARG A 33 18.32 -25.45 -18.41
C ARG A 33 18.55 -26.95 -18.62
N LYS A 34 17.78 -27.79 -17.94
CA LYS A 34 17.90 -29.24 -18.09
C LYS A 34 17.64 -29.74 -19.49
N ALA A 35 16.73 -29.05 -20.19
CA ALA A 35 16.36 -29.34 -21.56
C ALA A 35 17.30 -28.63 -22.56
N SER A 36 18.39 -28.03 -22.04
CA SER A 36 19.33 -27.22 -22.83
C SER A 36 18.63 -26.19 -23.73
N ALA A 37 17.67 -25.48 -23.17
CA ALA A 37 16.98 -24.39 -23.90
C ALA A 37 17.91 -23.29 -24.40
N HIS A 38 17.70 -22.84 -25.63
CA HIS A 38 18.38 -21.63 -26.13
C HIS A 38 17.46 -20.42 -26.00
N SER A 39 18.08 -19.26 -25.87
CA SER A 39 17.34 -18.03 -25.78
C SER A 39 17.03 -17.52 -27.16
N ILE A 40 15.82 -16.95 -27.31
CA ILE A 40 15.42 -16.28 -28.54
C ILE A 40 15.06 -14.84 -28.28
N VAL A 41 15.37 -14.36 -27.09
CA VAL A 41 14.97 -13.02 -26.71
C VAL A 41 16.19 -12.16 -26.34
N GLU A 42 16.36 -11.01 -26.99
CA GLU A 42 17.34 -10.02 -26.55
C GLU A 42 16.64 -8.75 -26.12
N CYS A 43 16.90 -8.31 -24.90
CA CYS A 43 16.36 -7.04 -24.39
C CYS A 43 17.46 -5.97 -24.33
N ASP A 44 17.17 -4.78 -24.82
CA ASP A 44 18.07 -3.64 -24.75
C ASP A 44 17.35 -2.54 -23.97
N PRO A 45 17.60 -2.48 -22.64
CA PRO A 45 16.89 -1.53 -21.77
C PRO A 45 17.11 -0.09 -22.19
N VAL A 46 18.31 0.18 -22.72
CA VAL A 46 18.64 1.53 -23.12
C VAL A 46 17.85 1.97 -24.34
N ARG A 47 17.84 1.17 -25.40
CA ARG A 47 17.02 1.49 -26.58
C ARG A 47 15.52 1.15 -26.37
N LYS A 48 15.20 0.56 -25.23
CA LYS A 48 13.81 0.13 -24.94
C LYS A 48 13.26 -0.83 -26.00
N GLU A 49 14.08 -1.80 -26.40
CA GLU A 49 13.76 -2.69 -27.51
C GLU A 49 13.78 -4.11 -27.01
N VAL A 50 12.93 -4.94 -27.60
CA VAL A 50 13.03 -6.40 -27.44
C VAL A 50 13.13 -6.96 -28.84
N SER A 51 14.04 -7.90 -29.03
CA SER A 51 14.25 -8.44 -30.34
C SER A 51 14.19 -9.95 -30.21
N VAL A 52 13.32 -10.55 -31.02
CA VAL A 52 13.04 -11.98 -30.94
C VAL A 52 13.59 -12.68 -32.17
N ARG A 53 14.40 -13.70 -31.92
CA ARG A 53 14.99 -14.55 -32.95
C ARG A 53 13.95 -15.58 -33.43
N THR A 54 13.57 -15.53 -34.69
CA THR A 54 12.34 -16.20 -35.15
C THR A 54 12.55 -17.36 -36.13
N GLY A 55 13.78 -17.56 -36.60
CA GLY A 55 13.96 -18.47 -37.73
C GLY A 55 14.56 -19.81 -37.37
N GLY A 56 14.77 -20.07 -36.08
CA GLY A 56 15.12 -21.41 -35.61
C GLY A 56 16.38 -21.90 -36.30
N LEU A 57 16.34 -23.11 -36.85
CA LEU A 57 17.50 -23.73 -37.50
C LEU A 57 17.60 -23.23 -38.92
N ALA A 58 16.49 -22.70 -39.44
CA ALA A 58 16.40 -22.48 -40.87
C ALA A 58 17.02 -21.15 -41.29
N ASP A 59 16.84 -20.12 -40.47
CA ASP A 59 17.15 -18.75 -40.89
C ASP A 59 17.66 -18.05 -39.65
N LYS A 60 18.97 -18.02 -39.53
CA LYS A 60 19.62 -17.58 -38.31
C LYS A 60 19.51 -16.10 -38.09
N SER A 61 19.19 -15.34 -39.14
CA SER A 61 19.20 -13.88 -39.03
C SER A 61 17.84 -13.18 -38.79
N SER A 62 16.74 -13.86 -39.07
CA SER A 62 15.43 -13.18 -39.00
C SER A 62 15.10 -12.84 -37.54
N ARG A 63 14.59 -11.63 -37.32
CA ARG A 63 14.15 -11.15 -36.01
C ARG A 63 12.84 -10.38 -36.17
N LYS A 64 12.13 -10.21 -35.06
CA LYS A 64 11.13 -9.17 -34.94
C LYS A 64 11.53 -8.35 -33.74
N THR A 65 11.52 -7.04 -33.91
CA THR A 65 12.00 -6.10 -32.93
C THR A 65 10.87 -5.14 -32.62
N TYR A 66 10.70 -4.83 -31.35
CA TYR A 66 9.62 -3.98 -30.85
C TYR A 66 10.25 -3.00 -29.89
N THR A 67 9.80 -1.75 -29.94
CA THR A 67 10.13 -0.73 -28.95
CA THR A 67 10.14 -0.77 -28.93
C THR A 67 8.98 -0.57 -27.94
N PHE A 68 9.29 -0.55 -26.64
CA PHE A 68 8.26 -0.39 -25.64
C PHE A 68 8.56 0.83 -24.78
N ASP A 69 7.70 1.11 -23.81
CA ASP A 69 7.99 2.23 -22.94
C ASP A 69 9.14 1.92 -21.96
N MET A 70 9.31 0.64 -21.63
CA MET A 70 10.49 0.16 -20.90
C MET A 70 10.61 -1.33 -21.19
N VAL A 71 11.82 -1.85 -21.02
CA VAL A 71 12.09 -3.25 -21.29
C VAL A 71 12.98 -3.73 -20.16
N PHE A 72 12.54 -4.80 -19.49
CA PHE A 72 13.25 -5.37 -18.38
C PHE A 72 13.77 -6.74 -18.79
N GLY A 73 15.11 -6.90 -18.77
CA GLY A 73 15.72 -8.17 -19.05
C GLY A 73 15.69 -9.17 -17.90
N ALA A 74 16.16 -10.40 -18.16
CA ALA A 74 16.18 -11.46 -17.16
C ALA A 74 16.86 -11.10 -15.84
N SER A 75 17.82 -10.19 -15.84
CA SER A 75 18.46 -9.82 -14.57
C SER A 75 17.69 -8.78 -13.75
N THR A 76 16.58 -8.27 -14.27
CA THR A 76 15.79 -7.30 -13.52
C THR A 76 15.25 -7.96 -12.27
N LYS A 77 15.43 -7.28 -11.14
CA LYS A 77 14.94 -7.73 -9.85
C LYS A 77 13.63 -7.02 -9.49
N GLN A 78 12.92 -7.57 -8.50
CA GLN A 78 11.62 -7.03 -8.09
C GLN A 78 11.74 -5.55 -7.77
N ILE A 79 12.81 -5.19 -7.06
CA ILE A 79 13.01 -3.80 -6.63
C ILE A 79 13.22 -2.85 -7.82
N ASP A 80 13.81 -3.34 -8.91
CA ASP A 80 13.96 -2.49 -10.10
C ASP A 80 12.55 -2.20 -10.72
N VAL A 81 11.68 -3.22 -10.80
CA VAL A 81 10.34 -3.01 -11.33
C VAL A 81 9.61 -1.99 -10.50
N TYR A 82 9.61 -2.19 -9.19
CA TYR A 82 9.03 -1.22 -8.30
C TYR A 82 9.49 0.24 -8.53
N ARG A 83 10.80 0.45 -8.52
CA ARG A 83 11.38 1.80 -8.63
C ARG A 83 11.02 2.43 -9.97
N SER A 84 11.08 1.67 -11.06
CA SER A 84 10.88 2.24 -12.40
C SER A 84 9.44 2.45 -12.75
N VAL A 85 8.56 1.53 -12.33
CA VAL A 85 7.19 1.49 -12.87
C VAL A 85 6.26 1.98 -11.77
N VAL A 86 6.36 1.37 -10.60
CA VAL A 86 5.31 1.54 -9.61
C VAL A 86 5.41 2.88 -8.87
N CYS A 87 6.61 3.23 -8.42
CA CYS A 87 6.77 4.49 -7.68
CA CYS A 87 6.79 4.48 -7.68
C CYS A 87 6.10 5.67 -8.39
N PRO A 88 6.42 5.89 -9.68
CA PRO A 88 5.77 7.05 -10.28
C PRO A 88 4.23 6.93 -10.30
N ILE A 89 3.75 5.71 -10.51
CA ILE A 89 2.32 5.50 -10.61
C ILE A 89 1.68 5.74 -9.26
N LEU A 90 2.27 5.20 -8.21
CA LEU A 90 1.78 5.46 -6.86
C LEU A 90 1.77 6.94 -6.45
N ASP A 91 2.78 7.71 -6.85
CA ASP A 91 2.75 9.17 -6.62
C ASP A 91 1.54 9.82 -7.29
N GLU A 92 1.13 9.33 -8.45
CA GLU A 92 -0.07 9.82 -9.12
C GLU A 92 -1.36 9.40 -8.39
N VAL A 93 -1.41 8.17 -7.89
CA VAL A 93 -2.50 7.75 -7.01
C VAL A 93 -2.64 8.69 -5.79
N ILE A 94 -1.51 9.01 -5.17
CA ILE A 94 -1.46 9.90 -4.02
C ILE A 94 -1.93 11.33 -4.33
N MET A 95 -1.79 11.76 -5.57
CA MET A 95 -2.37 13.04 -6.00
CA MET A 95 -2.37 13.02 -6.02
C MET A 95 -3.87 12.93 -6.22
N GLY A 96 -4.41 11.72 -6.10
CA GLY A 96 -5.86 11.54 -6.17
C GLY A 96 -6.32 11.17 -7.56
N TYR A 97 -5.45 10.54 -8.36
CA TYR A 97 -5.89 9.94 -9.62
C TYR A 97 -6.21 8.46 -9.44
N ASN A 98 -6.83 7.85 -10.45
CA ASN A 98 -6.99 6.41 -10.42
C ASN A 98 -5.98 5.83 -11.42
N CYS A 99 -5.35 4.72 -11.04
CA CYS A 99 -4.38 4.05 -11.89
C CYS A 99 -4.60 2.56 -11.85
N THR A 100 -4.27 1.92 -12.97
CA THR A 100 -4.30 0.48 -13.09
C THR A 100 -2.96 -0.01 -13.67
N ILE A 101 -2.43 -1.07 -13.09
CA ILE A 101 -1.38 -1.87 -13.75
C ILE A 101 -1.89 -3.30 -13.96
N PHE A 102 -1.83 -3.83 -15.19
CA PHE A 102 -2.12 -5.24 -15.36
C PHE A 102 -1.01 -6.06 -16.01
N ALA A 103 -0.87 -7.33 -15.62
CA ALA A 103 0.16 -8.22 -16.20
C ALA A 103 -0.52 -9.16 -17.18
N TYR A 104 0.08 -9.32 -18.36
CA TYR A 104 -0.46 -10.09 -19.50
C TYR A 104 0.66 -10.96 -20.06
N GLY A 105 0.41 -12.24 -20.28
CA GLY A 105 1.43 -13.09 -20.90
C GLY A 105 1.11 -14.54 -20.59
N GLN A 106 1.86 -15.46 -21.18
CA GLN A 106 1.50 -16.86 -21.06
C GLN A 106 1.75 -17.36 -19.63
N THR A 107 1.01 -18.40 -19.25
CA THR A 107 1.22 -19.05 -17.96
C THR A 107 2.67 -19.46 -17.85
N GLY A 108 3.29 -19.18 -16.72
CA GLY A 108 4.67 -19.60 -16.47
C GLY A 108 5.66 -18.48 -16.72
N THR A 109 5.21 -17.31 -17.18
CA THR A 109 6.17 -16.25 -17.57
C THR A 109 6.46 -15.18 -16.50
N GLY A 110 5.66 -15.17 -15.44
CA GLY A 110 5.91 -14.29 -14.29
C GLY A 110 4.86 -13.20 -14.02
N LYS A 111 3.63 -13.39 -14.48
CA LYS A 111 2.58 -12.42 -14.10
C LYS A 111 2.39 -12.33 -12.59
N THR A 112 2.20 -13.47 -11.93
CA THR A 112 1.96 -13.47 -10.49
C THR A 112 3.27 -13.10 -9.75
N PHE A 113 4.39 -13.62 -10.22
CA PHE A 113 5.68 -13.21 -9.64
C PHE A 113 5.81 -11.67 -9.63
N THR A 114 5.44 -11.06 -10.75
CA THR A 114 5.54 -9.63 -10.85
C THR A 114 4.52 -8.89 -9.99
N MET A 115 3.24 -9.30 -10.05
CA MET A 115 2.17 -8.54 -9.40
C MET A 115 2.14 -8.78 -7.88
N GLU A 116 2.42 -10.01 -7.47
CA GLU A 116 2.37 -10.33 -6.04
C GLU A 116 3.76 -10.62 -5.50
N GLY A 117 4.50 -11.44 -6.24
CA GLY A 117 5.79 -11.97 -5.76
C GLY A 117 5.66 -13.24 -4.96
N GLU A 118 6.74 -13.61 -4.27
CA GLU A 118 6.77 -14.86 -3.49
C GLU A 118 7.54 -14.59 -2.19
N ARG A 119 7.45 -15.48 -1.24
CA ARG A 119 8.20 -15.36 0.00
C ARG A 119 9.45 -16.20 -0.10
N SER A 120 10.58 -15.63 0.24
CA SER A 120 11.84 -16.39 0.22
C SER A 120 11.81 -17.49 1.29
N PRO A 121 12.24 -18.72 0.92
CA PRO A 121 11.96 -19.86 1.77
C PRO A 121 12.84 -19.90 3.03
N ASN A 122 12.58 -20.85 3.88
CA ASN A 122 13.23 -20.88 5.18
C ASN A 122 13.44 -19.50 5.82
N GLU A 123 12.45 -18.63 5.79
CA GLU A 123 12.33 -17.57 6.78
C GLU A 123 13.25 -16.36 6.72
N GLU A 124 14.06 -16.24 5.68
CA GLU A 124 15.23 -15.35 5.69
C GLU A 124 14.97 -13.86 5.94
N TYR A 125 13.83 -13.33 5.49
CA TYR A 125 13.54 -11.88 5.50
C TYR A 125 12.17 -11.53 6.09
N THR A 126 12.00 -10.28 6.54
CA THR A 126 10.63 -9.81 6.81
C THR A 126 9.91 -9.52 5.48
N TRP A 127 8.58 -9.49 5.50
CA TRP A 127 7.86 -9.32 4.25
C TRP A 127 8.25 -8.00 3.58
N GLU A 128 8.53 -6.99 4.40
CA GLU A 128 8.78 -5.65 3.89
C GLU A 128 10.15 -5.60 3.23
N GLU A 129 10.94 -6.63 3.46
CA GLU A 129 12.29 -6.65 2.98
C GLU A 129 12.58 -7.81 2.04
N ASP A 130 11.60 -8.69 1.83
CA ASP A 130 11.82 -9.87 1.03
C ASP A 130 12.14 -9.45 -0.41
N PRO A 131 13.29 -9.91 -0.97
CA PRO A 131 13.63 -9.48 -2.31
C PRO A 131 12.71 -10.11 -3.36
N LEU A 132 11.94 -11.11 -2.97
CA LEU A 132 11.01 -11.75 -3.93
C LEU A 132 9.59 -11.15 -3.89
N ALA A 133 9.40 -10.16 -3.05
CA ALA A 133 8.11 -9.51 -2.87
C ALA A 133 7.82 -8.70 -4.12
N GLY A 134 6.57 -8.74 -4.59
CA GLY A 134 6.21 -8.14 -5.85
C GLY A 134 5.49 -6.81 -5.67
N ILE A 135 4.71 -6.42 -6.68
CA ILE A 135 4.15 -5.08 -6.70
C ILE A 135 3.16 -4.80 -5.56
N ILE A 136 2.27 -5.74 -5.30
CA ILE A 136 1.26 -5.49 -4.25
C ILE A 136 1.86 -5.22 -2.86
N PRO A 137 2.71 -6.15 -2.38
CA PRO A 137 3.13 -5.82 -1.01
C PRO A 137 4.08 -4.62 -0.91
N ARG A 138 4.84 -4.30 -1.96
CA ARG A 138 5.75 -3.17 -1.90
C ARG A 138 4.92 -1.90 -1.93
N THR A 139 3.86 -1.93 -2.73
CA THR A 139 2.99 -0.78 -2.83
C THR A 139 2.35 -0.49 -1.47
N LEU A 140 1.77 -1.51 -0.85
CA LEU A 140 1.17 -1.28 0.48
C LEU A 140 2.22 -0.74 1.47
N HIS A 141 3.40 -1.34 1.50
CA HIS A 141 4.44 -0.84 2.40
C HIS A 141 4.74 0.64 2.17
N GLN A 142 4.85 1.06 0.90
CA GLN A 142 5.18 2.44 0.55
C GLN A 142 4.06 3.43 0.85
N ILE A 143 2.81 3.01 0.65
CA ILE A 143 1.71 3.88 1.04
C ILE A 143 1.85 4.35 2.48
N PHE A 144 2.08 3.43 3.40
CA PHE A 144 2.25 3.80 4.79
C PHE A 144 3.57 4.58 5.00
N GLU A 145 4.65 4.17 4.36
CA GLU A 145 5.90 4.93 4.53
C GLU A 145 5.76 6.36 4.05
N LYS A 146 5.11 6.55 2.89
CA LYS A 146 4.98 7.86 2.29
C LYS A 146 4.08 8.74 3.11
N LEU A 147 2.95 8.19 3.54
CA LEU A 147 1.92 9.03 4.11
C LEU A 147 2.01 9.21 5.63
N THR A 148 2.57 8.25 6.34
CA THR A 148 2.45 8.27 7.77
C THR A 148 3.00 9.51 8.41
N ASP A 149 2.35 9.85 9.52
CA ASP A 149 2.36 11.17 10.10
C ASP A 149 3.25 12.11 9.34
N ASN A 150 2.82 12.41 8.12
CA ASN A 150 3.51 13.32 7.23
CA ASN A 150 3.50 13.30 7.17
C ASN A 150 2.55 14.42 6.91
N GLY A 151 1.62 14.66 7.81
CA GLY A 151 0.73 15.82 7.76
C GLY A 151 -0.69 15.45 7.40
N THR A 152 -0.85 14.57 6.42
CA THR A 152 -2.16 14.12 5.96
C THR A 152 -2.83 13.15 6.93
N GLU A 153 -4.10 13.40 7.25
CA GLU A 153 -4.98 12.32 7.68
C GLU A 153 -5.19 11.42 6.45
N PHE A 154 -5.14 10.10 6.64
CA PHE A 154 -5.38 9.17 5.53
C PHE A 154 -5.90 7.82 6.00
N SER A 155 -6.73 7.18 5.17
CA SER A 155 -7.06 5.78 5.36
C SER A 155 -6.83 4.94 4.10
N VAL A 156 -6.61 3.65 4.31
CA VAL A 156 -6.31 2.73 3.23
C VAL A 156 -7.24 1.53 3.39
N LYS A 157 -7.89 1.18 2.27
CA LYS A 157 -8.74 0.00 2.22
CA LYS A 157 -8.76 0.02 2.19
C LYS A 157 -8.35 -0.85 1.01
N VAL A 158 -8.37 -2.16 1.22
CA VAL A 158 -8.00 -3.11 0.18
C VAL A 158 -9.11 -4.10 -0.08
N SER A 159 -9.14 -4.60 -1.30
CA SER A 159 -9.98 -5.72 -1.63
C SER A 159 -9.26 -6.59 -2.66
N LEU A 160 -9.60 -7.87 -2.68
CA LEU A 160 -9.01 -8.79 -3.64
C LEU A 160 -10.09 -9.78 -4.09
N LEU A 161 -10.44 -9.70 -5.37
CA LEU A 161 -11.41 -10.61 -5.98
C LEU A 161 -10.75 -11.35 -7.14
N GLU A 162 -11.30 -12.52 -7.47
CA GLU A 162 -10.83 -13.25 -8.64
C GLU A 162 -12.02 -13.66 -9.49
N ILE A 163 -11.78 -13.65 -10.82
CA ILE A 163 -12.78 -14.04 -11.82
C ILE A 163 -12.37 -15.39 -12.39
N TYR A 164 -13.28 -16.36 -12.33
CA TYR A 164 -13.01 -17.68 -12.85
C TYR A 164 -14.31 -18.15 -13.48
N ASN A 165 -14.28 -18.46 -14.78
CA ASN A 165 -15.49 -18.92 -15.47
C ASN A 165 -16.60 -17.86 -15.39
N GLU A 166 -16.21 -16.58 -15.32
CA GLU A 166 -17.17 -15.46 -15.13
C GLU A 166 -17.92 -15.44 -13.77
N GLU A 167 -17.45 -16.22 -12.82
CA GLU A 167 -17.91 -16.08 -11.46
CA GLU A 167 -17.87 -16.14 -11.42
C GLU A 167 -16.85 -15.35 -10.66
N LEU A 168 -17.28 -14.70 -9.58
CA LEU A 168 -16.46 -13.77 -8.80
C LEU A 168 -16.34 -14.23 -7.38
N PHE A 169 -15.09 -14.42 -6.95
CA PHE A 169 -14.81 -14.91 -5.63
C PHE A 169 -14.07 -13.83 -4.85
N ASP A 170 -14.30 -13.77 -3.54
CA ASP A 170 -13.72 -12.77 -2.66
C ASP A 170 -12.67 -13.42 -1.75
N LEU A 171 -11.41 -13.11 -2.03
CA LEU A 171 -10.32 -13.78 -1.31
C LEU A 171 -10.16 -13.22 0.09
N LEU A 172 -10.69 -12.03 0.36
CA LEU A 172 -10.52 -11.41 1.69
C LEU A 172 -11.79 -11.48 2.58
N ASN A 173 -12.82 -12.18 2.11
CA ASN A 173 -14.06 -12.25 2.85
C ASN A 173 -13.97 -13.04 4.17
N PRO A 174 -14.64 -12.56 5.23
CA PRO A 174 -14.61 -13.36 6.44
C PRO A 174 -15.28 -14.73 6.26
N SER A 175 -16.12 -14.89 5.25
CA SER A 175 -16.69 -16.21 5.00
C SER A 175 -15.59 -17.25 4.80
N SER A 176 -15.74 -18.39 5.47
CA SER A 176 -14.71 -19.43 5.44
C SER A 176 -14.76 -20.27 4.17
N ASP A 177 -15.85 -20.15 3.39
CA ASP A 177 -15.98 -20.88 2.13
C ASP A 177 -15.66 -19.93 0.97
N VAL A 178 -14.51 -20.15 0.32
CA VAL A 178 -14.09 -19.32 -0.79
C VAL A 178 -15.03 -19.36 -1.98
N SER A 179 -15.82 -20.42 -2.11
CA SER A 179 -16.74 -20.53 -3.24
C SER A 179 -17.96 -19.62 -3.18
N GLU A 180 -18.15 -18.88 -2.09
CA GLU A 180 -19.36 -18.03 -2.00
C GLU A 180 -19.23 -16.87 -2.99
N ARG A 181 -20.24 -16.65 -3.83
CA ARG A 181 -20.05 -15.79 -5.01
C ARG A 181 -20.54 -14.37 -4.84
N LEU A 182 -19.79 -13.45 -5.45
CA LEU A 182 -20.14 -12.04 -5.54
C LEU A 182 -21.03 -11.80 -6.73
N GLN A 183 -21.64 -10.63 -6.81
CA GLN A 183 -22.34 -10.25 -8.02
CA GLN A 183 -22.42 -10.22 -7.98
C GLN A 183 -22.02 -8.81 -8.41
N MET A 184 -21.88 -8.60 -9.71
CA MET A 184 -21.53 -7.32 -10.28
C MET A 184 -22.79 -6.60 -10.78
N PHE A 185 -22.87 -5.28 -10.56
CA PHE A 185 -23.92 -4.39 -11.10
C PHE A 185 -23.30 -3.14 -11.70
N ASP A 186 -23.95 -2.48 -12.65
CA ASP A 186 -23.51 -1.11 -12.98
C ASP A 186 -23.60 -0.23 -11.75
N ASP A 187 -22.71 0.77 -11.65
CA ASP A 187 -22.73 1.71 -10.53
C ASP A 187 -23.48 2.95 -11.02
N PRO A 188 -24.66 3.23 -10.44
CA PRO A 188 -25.44 4.36 -10.93
C PRO A 188 -24.78 5.71 -10.62
N ARG A 189 -23.86 5.71 -9.66
CA ARG A 189 -23.08 6.90 -9.31
C ARG A 189 -21.93 7.26 -10.29
N ASN A 190 -21.45 6.28 -11.06
CA ASN A 190 -20.20 6.37 -11.83
C ASN A 190 -20.38 5.64 -13.17
N LYS A 191 -20.55 6.43 -14.22
CA LYS A 191 -20.72 6.05 -15.63
C LYS A 191 -20.04 4.80 -16.24
N ARG A 192 -18.83 4.50 -15.77
CA ARG A 192 -18.05 3.44 -16.39
C ARG A 192 -17.71 2.45 -15.30
N GLY A 193 -18.40 2.57 -14.16
CA GLY A 193 -18.04 1.84 -12.95
C GLY A 193 -18.99 0.71 -12.61
N VAL A 194 -18.50 -0.22 -11.78
CA VAL A 194 -19.32 -1.30 -11.29
C VAL A 194 -19.31 -1.28 -9.79
N ILE A 195 -20.35 -1.89 -9.21
CA ILE A 195 -20.43 -2.21 -7.80
C ILE A 195 -20.22 -3.71 -7.69
N ILE A 196 -19.31 -4.13 -6.81
CA ILE A 196 -19.13 -5.56 -6.61
C ILE A 196 -19.86 -5.94 -5.34
N LYS A 197 -21.10 -6.42 -5.47
CA LYS A 197 -21.93 -6.58 -4.27
CA LYS A 197 -21.96 -6.60 -4.30
C LYS A 197 -21.45 -7.78 -3.45
N GLY A 198 -21.18 -7.52 -2.17
CA GLY A 198 -20.64 -8.55 -1.27
C GLY A 198 -19.14 -8.42 -1.01
N LEU A 199 -18.46 -7.58 -1.77
CA LEU A 199 -16.98 -7.50 -1.72
C LEU A 199 -16.49 -6.97 -0.38
N GLU A 200 -15.65 -7.73 0.34
CA GLU A 200 -15.10 -7.26 1.60
C GLU A 200 -13.99 -6.28 1.27
N GLU A 201 -14.09 -5.06 1.83
CA GLU A 201 -13.01 -4.09 1.75
C GLU A 201 -12.46 -3.85 3.14
N ILE A 202 -11.21 -4.24 3.32
CA ILE A 202 -10.62 -4.23 4.64
C ILE A 202 -9.88 -2.92 4.82
N THR A 203 -10.20 -2.22 5.90
CA THR A 203 -9.43 -1.06 6.35
C THR A 203 -8.10 -1.53 6.94
N VAL A 204 -7.00 -1.02 6.37
CA VAL A 204 -5.68 -1.44 6.80
C VAL A 204 -5.17 -0.27 7.65
N HIS A 205 -5.14 -0.45 8.96
CA HIS A 205 -4.95 0.74 9.82
C HIS A 205 -3.48 1.12 9.89
N ASN A 206 -2.61 0.15 9.68
CA ASN A 206 -1.19 0.44 9.62
C ASN A 206 -0.47 -0.71 8.94
N LYS A 207 0.83 -0.53 8.70
CA LYS A 207 1.60 -1.47 7.91
C LYS A 207 1.72 -2.83 8.59
N ASP A 208 1.61 -2.84 9.92
CA ASP A 208 1.74 -4.10 10.65
C ASP A 208 0.46 -4.97 10.52
N GLU A 209 -0.53 -4.48 9.80
CA GLU A 209 -1.74 -5.25 9.50
C GLU A 209 -1.68 -5.92 8.13
N VAL A 210 -0.73 -5.51 7.29
CA VAL A 210 -0.70 -5.89 5.89
C VAL A 210 -0.51 -7.38 5.69
N TYR A 211 0.49 -7.94 6.35
CA TYR A 211 0.88 -9.29 6.02
C TYR A 211 -0.24 -10.29 6.27
N GLN A 212 -0.87 -10.21 7.44
CA GLN A 212 -1.87 -11.22 7.79
C GLN A 212 -3.05 -11.19 6.81
N ILE A 213 -3.42 -10.01 6.35
CA ILE A 213 -4.44 -9.85 5.29
C ILE A 213 -4.03 -10.59 4.00
N LEU A 214 -2.83 -10.32 3.51
CA LEU A 214 -2.34 -10.99 2.30
C LEU A 214 -2.22 -12.50 2.52
N GLU A 215 -1.77 -12.88 3.70
CA GLU A 215 -1.58 -14.29 3.99
C GLU A 215 -2.90 -15.03 3.92
N LYS A 216 -3.95 -14.43 4.46
CA LYS A 216 -5.25 -15.11 4.52
C LYS A 216 -5.87 -15.17 3.12
N GLY A 217 -5.65 -14.11 2.35
CA GLY A 217 -6.04 -14.11 0.95
C GLY A 217 -5.38 -15.24 0.18
N ALA A 218 -4.07 -15.39 0.35
CA ALA A 218 -3.35 -16.48 -0.32
C ALA A 218 -3.85 -17.89 0.07
N ALA A 219 -4.25 -18.06 1.33
CA ALA A 219 -4.74 -19.36 1.79
C ALA A 219 -6.11 -19.67 1.15
N LYS A 220 -6.95 -18.64 1.02
CA LYS A 220 -8.22 -18.82 0.33
C LYS A 220 -8.02 -19.19 -1.14
N ARG A 221 -7.03 -18.57 -1.79
CA ARG A 221 -6.71 -18.95 -3.15
C ARG A 221 -6.24 -20.40 -3.27
N THR A 222 -5.40 -20.85 -2.34
CA THR A 222 -4.93 -22.24 -2.36
C THR A 222 -6.10 -23.21 -2.26
N THR A 223 -7.03 -22.94 -1.33
CA THR A 223 -8.29 -23.69 -1.35
C THR A 223 -9.02 -23.66 -2.68
N ALA A 224 -9.23 -22.46 -3.25
CA ALA A 224 -9.91 -22.33 -4.55
C ALA A 224 -9.31 -23.24 -5.63
N ALA A 225 -7.97 -23.25 -5.71
CA ALA A 225 -7.25 -24.12 -6.65
C ALA A 225 -7.57 -25.61 -6.49
N THR A 226 -7.86 -26.08 -5.28
CA THR A 226 -8.28 -27.47 -5.06
C THR A 226 -9.71 -27.75 -5.50
N LEU A 227 -10.52 -26.70 -5.68
CA LEU A 227 -11.94 -26.85 -5.93
C LEU A 227 -12.22 -26.77 -7.44
N MET A 228 -11.37 -26.07 -8.18
CA MET A 228 -11.74 -25.71 -9.54
C MET A 228 -10.59 -26.01 -10.50
N ASN A 229 -10.92 -26.56 -11.67
CA ASN A 229 -9.87 -27.03 -12.59
C ASN A 229 -9.03 -25.89 -13.20
N ALA A 230 -7.71 -26.06 -13.18
CA ALA A 230 -6.79 -25.10 -13.77
C ALA A 230 -7.08 -23.71 -13.20
N TYR A 231 -7.31 -23.62 -11.90
CA TYR A 231 -7.84 -22.38 -11.34
C TYR A 231 -6.87 -21.20 -11.54
N SER A 232 -5.61 -21.40 -11.16
CA SER A 232 -4.69 -20.26 -11.08
CA SER A 232 -4.73 -20.25 -11.08
C SER A 232 -4.29 -19.76 -12.46
N SER A 233 -4.30 -20.64 -13.46
CA SER A 233 -3.99 -20.23 -14.83
C SER A 233 -5.18 -19.64 -15.59
N ARG A 234 -6.40 -20.02 -15.20
CA ARG A 234 -7.61 -19.48 -15.86
C ARG A 234 -8.18 -18.25 -15.19
N SER A 235 -7.78 -18.02 -13.94
CA SER A 235 -8.35 -16.96 -13.15
C SER A 235 -7.73 -15.59 -13.50
N HIS A 236 -8.51 -14.54 -13.30
CA HIS A 236 -8.01 -13.17 -13.26
C HIS A 236 -8.09 -12.68 -11.84
N SER A 237 -7.06 -11.99 -11.39
CA SER A 237 -6.98 -11.56 -10.01
C SER A 237 -6.94 -10.03 -9.98
N VAL A 238 -7.84 -9.45 -9.19
CA VAL A 238 -8.06 -8.02 -9.18
C VAL A 238 -7.92 -7.50 -7.76
N PHE A 239 -6.74 -6.96 -7.46
CA PHE A 239 -6.46 -6.35 -6.16
C PHE A 239 -6.68 -4.85 -6.29
N SER A 240 -7.44 -4.26 -5.38
CA SER A 240 -7.64 -2.81 -5.43
C SER A 240 -7.25 -2.20 -4.08
N VAL A 241 -6.61 -1.06 -4.15
CA VAL A 241 -6.34 -0.29 -2.93
C VAL A 241 -6.83 1.15 -3.14
N THR A 242 -7.61 1.62 -2.18
CA THR A 242 -8.22 2.94 -2.26
C THR A 242 -7.63 3.73 -1.11
N ILE A 243 -7.17 4.95 -1.41
CA ILE A 243 -6.61 5.82 -0.38
C ILE A 243 -7.43 7.10 -0.27
N HIS A 244 -8.02 7.33 0.90
CA HIS A 244 -8.73 8.57 1.20
CA HIS A 244 -8.72 8.57 1.19
C HIS A 244 -7.79 9.48 1.97
N MET A 245 -7.58 10.67 1.45
CA MET A 245 -6.64 11.62 2.03
C MET A 245 -7.34 12.93 2.34
N LYS A 246 -7.04 13.48 3.51
CA LYS A 246 -7.67 14.70 3.99
C LYS A 246 -6.60 15.69 4.45
N GLU A 247 -6.80 16.96 4.11
CA GLU A 247 -5.83 18.02 4.37
C GLU A 247 -6.52 19.32 4.81
N THR A 248 -5.97 19.97 5.85
CA THR A 248 -6.44 21.29 6.29
C THR A 248 -5.23 22.24 6.40
N THR A 249 -4.98 22.97 5.33
CA THR A 249 -3.74 23.67 5.16
C THR A 249 -3.62 25.05 5.82
N ILE A 250 -3.73 26.10 5.01
CA ILE A 250 -3.35 27.48 5.37
C ILE A 250 -4.53 28.35 5.86
N ASP A 251 -5.69 28.27 5.20
CA ASP A 251 -6.87 29.02 5.62
C ASP A 251 -7.59 28.36 6.81
N GLY A 252 -7.46 27.03 6.92
CA GLY A 252 -8.42 26.22 7.66
C GLY A 252 -9.41 25.58 6.71
N GLU A 253 -9.17 25.74 5.40
CA GLU A 253 -9.98 25.08 4.37
C GLU A 253 -9.60 23.60 4.26
N GLU A 254 -10.54 22.79 3.80
CA GLU A 254 -10.43 21.34 3.89
CA GLU A 254 -10.45 21.34 3.90
C GLU A 254 -10.49 20.67 2.52
N LEU A 255 -9.37 20.05 2.13
CA LEU A 255 -9.13 19.60 0.76
C LEU A 255 -8.91 18.09 0.64
N VAL A 256 -9.94 17.39 0.18
CA VAL A 256 -10.01 15.93 0.20
C VAL A 256 -9.58 15.31 -1.13
N LYS A 257 -8.70 14.31 -1.07
CA LYS A 257 -8.43 13.52 -2.28
C LYS A 257 -8.61 12.01 -2.11
N ILE A 258 -9.02 11.36 -3.19
CA ILE A 258 -9.19 9.91 -3.19
C ILE A 258 -8.42 9.33 -4.38
N GLY A 259 -7.43 8.49 -4.10
CA GLY A 259 -6.75 7.76 -5.18
C GLY A 259 -7.07 6.28 -5.11
N LYS A 260 -7.18 5.65 -6.28
CA LYS A 260 -7.41 4.20 -6.34
C LYS A 260 -6.37 3.57 -7.26
N LEU A 261 -5.83 2.43 -6.85
CA LEU A 261 -4.89 1.71 -7.69
C LEU A 261 -5.38 0.28 -7.85
N ASN A 262 -5.63 -0.15 -9.08
CA ASN A 262 -5.97 -1.55 -9.36
C ASN A 262 -4.73 -2.31 -9.83
N LEU A 263 -4.47 -3.46 -9.22
CA LEU A 263 -3.30 -4.26 -9.57
C LEU A 263 -3.84 -5.60 -10.06
N VAL A 264 -3.70 -5.84 -11.36
CA VAL A 264 -4.43 -6.94 -12.02
C VAL A 264 -3.51 -7.98 -12.64
N ASP A 265 -3.79 -9.25 -12.32
CA ASP A 265 -2.97 -10.38 -12.76
C ASP A 265 -3.88 -11.24 -13.63
N LEU A 266 -3.78 -11.09 -14.95
CA LEU A 266 -4.73 -11.68 -15.90
C LEU A 266 -4.55 -13.19 -16.01
N ALA A 267 -5.59 -13.85 -16.52
CA ALA A 267 -5.48 -15.20 -17.01
C ALA A 267 -4.36 -15.36 -18.03
N GLY A 268 -3.82 -16.56 -18.09
CA GLY A 268 -2.74 -16.88 -19.01
C GLY A 268 -3.19 -16.69 -20.43
N SER A 269 -2.40 -15.94 -21.20
CA SER A 269 -2.81 -15.53 -22.53
C SER A 269 -2.88 -16.73 -23.47
N GLU A 270 -2.27 -17.85 -23.11
CA GLU A 270 -2.33 -19.00 -23.99
C GLU A 270 -3.77 -19.47 -24.07
N ASN A 271 -4.60 -19.15 -23.07
CA ASN A 271 -6.02 -19.55 -23.03
C ASN A 271 -6.73 -18.98 -24.25
N ASN A 287 -17.77 -20.13 -20.92
CA ASN A 287 -17.34 -18.95 -20.16
C ASN A 287 -15.93 -19.09 -19.56
N ILE A 288 -15.36 -20.29 -19.64
CA ILE A 288 -13.99 -20.54 -19.17
C ILE A 288 -12.95 -19.45 -19.53
N ASN A 289 -13.14 -18.83 -20.70
CA ASN A 289 -12.29 -17.78 -21.29
C ASN A 289 -12.94 -16.44 -21.73
N GLN A 290 -14.18 -16.19 -21.38
CA GLN A 290 -14.93 -15.07 -21.93
C GLN A 290 -14.26 -13.73 -21.63
N SER A 291 -13.75 -13.57 -20.42
CA SER A 291 -13.07 -12.31 -20.05
C SER A 291 -11.79 -12.08 -20.85
N LEU A 292 -10.97 -13.11 -21.03
CA LEU A 292 -9.75 -12.89 -21.82
C LEU A 292 -10.06 -12.55 -23.28
N LEU A 293 -11.01 -13.29 -23.85
CA LEU A 293 -11.52 -13.08 -25.20
C LEU A 293 -12.05 -11.66 -25.41
N THR A 294 -12.86 -11.20 -24.44
CA THR A 294 -13.49 -9.90 -24.53
C THR A 294 -12.47 -8.76 -24.34
N LEU A 295 -11.51 -8.93 -23.45
CA LEU A 295 -10.42 -7.96 -23.32
C LEU A 295 -9.71 -7.73 -24.69
N GLY A 296 -9.41 -8.81 -25.40
CA GLY A 296 -8.81 -8.69 -26.75
C GLY A 296 -9.72 -7.95 -27.73
N ARG A 297 -11.02 -8.25 -27.69
CA ARG A 297 -11.98 -7.58 -28.55
CA ARG A 297 -12.01 -7.57 -28.53
C ARG A 297 -12.09 -6.11 -28.14
N VAL A 298 -12.06 -5.83 -26.84
CA VAL A 298 -12.07 -4.45 -26.41
C VAL A 298 -10.82 -3.70 -26.86
N ILE A 299 -9.65 -4.32 -26.71
CA ILE A 299 -8.40 -3.64 -27.08
C ILE A 299 -8.38 -3.42 -28.59
N THR A 300 -8.82 -4.43 -29.36
CA THR A 300 -8.91 -4.26 -30.83
C THR A 300 -9.86 -3.13 -31.22
N ALA A 301 -11.03 -3.07 -30.59
CA ALA A 301 -11.96 -1.97 -30.86
C ALA A 301 -11.34 -0.58 -30.56
N LEU A 302 -10.67 -0.46 -29.41
CA LEU A 302 -10.03 0.81 -29.06
C LEU A 302 -8.95 1.22 -30.05
N VAL A 303 -8.07 0.30 -30.43
CA VAL A 303 -6.99 0.65 -31.33
C VAL A 303 -7.53 0.92 -32.74
N GLU A 304 -8.53 0.15 -33.17
CA GLU A 304 -9.13 0.32 -34.49
CA GLU A 304 -9.12 0.32 -34.49
C GLU A 304 -10.14 1.46 -34.51
N ARG A 305 -10.45 2.00 -33.32
CA ARG A 305 -11.36 3.15 -33.20
CA ARG A 305 -11.38 3.12 -33.12
C ARG A 305 -12.77 2.81 -33.65
N THR A 306 -13.16 1.55 -33.53
CA THR A 306 -14.50 1.11 -33.92
C THR A 306 -15.54 1.61 -32.90
N PRO A 307 -16.79 1.87 -33.35
CA PRO A 307 -17.68 2.82 -32.67
C PRO A 307 -18.22 2.34 -31.33
N HIS A 308 -18.48 1.04 -31.23
CA HIS A 308 -18.97 0.42 -30.01
C HIS A 308 -17.85 -0.50 -29.50
N VAL A 309 -17.63 -0.43 -28.19
CA VAL A 309 -16.55 -1.17 -27.56
C VAL A 309 -17.21 -2.09 -26.54
N PRO A 310 -17.01 -3.41 -26.68
CA PRO A 310 -17.86 -4.37 -26.00
C PRO A 310 -17.48 -4.62 -24.53
N TYR A 311 -17.37 -3.56 -23.76
CA TYR A 311 -17.05 -3.72 -22.33
C TYR A 311 -17.99 -4.69 -21.62
N ARG A 312 -19.29 -4.60 -21.93
CA ARG A 312 -20.32 -5.31 -21.15
C ARG A 312 -20.25 -6.81 -21.29
N GLU A 313 -19.55 -7.29 -22.32
CA GLU A 313 -19.59 -8.71 -22.65
C GLU A 313 -18.70 -9.59 -21.78
N SER A 314 -18.05 -9.03 -20.77
CA SER A 314 -17.38 -9.86 -19.78
C SER A 314 -17.22 -9.18 -18.44
N LYS A 315 -17.03 -9.97 -17.39
CA LYS A 315 -16.81 -9.42 -16.07
C LYS A 315 -15.53 -8.56 -16.00
N LEU A 316 -14.45 -9.07 -16.61
CA LEU A 316 -13.16 -8.35 -16.53
C LEU A 316 -13.25 -6.98 -17.19
N THR A 317 -13.82 -6.92 -18.38
CA THR A 317 -13.91 -5.67 -19.13
C THR A 317 -14.92 -4.69 -18.57
N ARG A 318 -15.93 -5.21 -17.88
CA ARG A 318 -16.73 -4.30 -17.03
C ARG A 318 -15.93 -3.67 -15.90
N ILE A 319 -15.17 -4.49 -15.18
CA ILE A 319 -14.27 -4.02 -14.13
C ILE A 319 -13.21 -3.06 -14.67
N LEU A 320 -12.70 -3.33 -15.87
CA LEU A 320 -11.62 -2.51 -16.45
C LEU A 320 -12.07 -1.39 -17.38
N GLN A 321 -13.39 -1.21 -17.54
CA GLN A 321 -13.89 -0.20 -18.47
C GLN A 321 -13.17 1.15 -18.34
N ASP A 322 -13.16 1.72 -17.14
CA ASP A 322 -12.49 3.02 -16.98
C ASP A 322 -10.98 3.01 -17.25
N SER A 323 -10.36 1.83 -17.16
CA SER A 323 -8.92 1.71 -17.38
C SER A 323 -8.61 1.60 -18.88
N LEU A 324 -9.62 1.28 -19.68
CA LEU A 324 -9.43 0.97 -21.08
C LEU A 324 -10.19 1.95 -21.94
N GLY A 325 -9.59 3.11 -22.19
CA GLY A 325 -10.27 4.18 -22.91
C GLY A 325 -11.08 5.10 -22.01
N GLY A 326 -10.90 5.02 -20.69
CA GLY A 326 -11.62 5.89 -19.76
C GLY A 326 -10.68 6.87 -19.06
N ARG A 327 -10.93 7.14 -17.78
CA ARG A 327 -10.23 8.21 -17.09
C ARG A 327 -9.15 7.75 -16.10
N THR A 328 -8.82 6.47 -16.12
CA THR A 328 -7.82 5.88 -15.27
C THR A 328 -6.50 5.82 -16.06
N ARG A 329 -5.36 6.09 -15.41
CA ARG A 329 -4.08 5.91 -16.08
C ARG A 329 -3.69 4.44 -16.01
N THR A 330 -3.45 3.83 -17.18
CA THR A 330 -3.17 2.40 -17.26
C THR A 330 -1.77 2.08 -17.78
N SER A 331 -1.14 1.09 -17.13
CA SER A 331 0.13 0.53 -17.57
C SER A 331 -0.01 -0.98 -17.63
N ILE A 332 0.59 -1.56 -18.66
CA ILE A 332 0.58 -3.00 -18.91
C ILE A 332 1.99 -3.54 -18.77
N ILE A 333 2.14 -4.61 -18.02
CA ILE A 333 3.43 -5.31 -18.00
C ILE A 333 3.25 -6.61 -18.74
N ALA A 334 3.85 -6.71 -19.94
CA ALA A 334 3.82 -7.95 -20.72
C ALA A 334 5.00 -8.84 -20.32
N THR A 335 4.68 -10.04 -19.88
CA THR A 335 5.67 -11.01 -19.39
C THR A 335 5.94 -12.07 -20.44
N ILE A 336 7.21 -12.41 -20.62
CA ILE A 336 7.59 -13.37 -21.66
C ILE A 336 8.71 -14.25 -21.10
N SER A 337 8.76 -15.48 -21.59
CA SER A 337 9.86 -16.44 -21.41
C SER A 337 10.97 -16.16 -22.46
N PRO A 338 12.23 -16.46 -22.12
CA PRO A 338 13.34 -16.36 -23.08
C PRO A 338 13.51 -17.56 -24.02
N ALA A 339 12.83 -18.66 -23.74
CA ALA A 339 13.10 -19.94 -24.41
C ALA A 339 12.55 -20.07 -25.82
N SER A 340 13.35 -20.69 -26.69
CA SER A 340 12.98 -21.05 -28.04
C SER A 340 11.64 -21.81 -28.09
N LEU A 341 11.42 -22.71 -27.15
CA LEU A 341 10.17 -23.48 -27.13
C LEU A 341 8.92 -22.57 -27.20
N ASN A 342 9.00 -21.42 -26.55
CA ASN A 342 7.83 -20.55 -26.37
C ASN A 342 7.68 -19.50 -27.45
N LEU A 343 8.43 -19.67 -28.54
CA LEU A 343 8.47 -18.67 -29.62
C LEU A 343 7.07 -18.14 -30.01
N GLU A 344 6.12 -19.01 -30.32
CA GLU A 344 4.85 -18.50 -30.87
C GLU A 344 4.08 -17.64 -29.85
N GLU A 345 4.04 -18.08 -28.59
CA GLU A 345 3.33 -17.30 -27.56
C GLU A 345 4.06 -16.02 -27.17
N THR A 346 5.39 -16.08 -27.23
CA THR A 346 6.16 -14.86 -26.96
C THR A 346 5.87 -13.79 -28.01
N LEU A 347 5.87 -14.21 -29.26
CA LEU A 347 5.49 -13.30 -30.34
C LEU A 347 4.05 -12.83 -30.18
N SER A 348 3.12 -13.73 -29.85
CA SER A 348 1.74 -13.28 -29.62
CA SER A 348 1.73 -13.29 -29.61
C SER A 348 1.64 -12.21 -28.54
N THR A 349 2.31 -12.44 -27.42
CA THR A 349 2.27 -11.51 -26.30
C THR A 349 2.83 -10.14 -26.68
N LEU A 350 3.96 -10.15 -27.37
CA LEU A 350 4.57 -8.87 -27.78
C LEU A 350 3.70 -8.09 -28.76
N GLU A 351 3.13 -8.75 -29.77
CA GLU A 351 2.20 -8.11 -30.71
C GLU A 351 0.97 -7.54 -29.99
N TYR A 352 0.36 -8.36 -29.15
CA TYR A 352 -0.77 -7.92 -28.33
C TYR A 352 -0.43 -6.67 -27.52
N ALA A 353 0.68 -6.71 -26.79
CA ALA A 353 1.03 -5.58 -25.91
C ALA A 353 1.47 -4.36 -26.71
N HIS A 354 2.19 -4.60 -27.80
CA HIS A 354 2.65 -3.49 -28.59
C HIS A 354 1.48 -2.64 -29.12
N ARG A 355 0.49 -3.27 -29.72
CA ARG A 355 -0.63 -2.50 -30.23
C ARG A 355 -1.35 -1.70 -29.14
N ALA A 356 -1.30 -2.15 -27.89
CA ALA A 356 -2.06 -1.52 -26.84
C ALA A 356 -1.50 -0.16 -26.43
N LYS A 357 -0.25 0.10 -26.81
CA LYS A 357 0.34 1.45 -26.69
C LYS A 357 -0.47 2.53 -27.39
N ASN A 358 -1.24 2.13 -28.40
CA ASN A 358 -2.04 3.08 -29.19
C ASN A 358 -3.33 3.53 -28.51
N ILE A 359 -3.63 2.98 -27.35
CA ILE A 359 -4.88 3.33 -26.66
C ILE A 359 -4.66 4.59 -25.86
N LEU A 360 -5.57 5.56 -26.00
CA LEU A 360 -5.53 6.79 -25.20
C LEU A 360 -6.52 6.74 -24.03
N ASN A 361 -6.07 7.12 -22.85
CA ASN A 361 -6.96 7.35 -21.72
C ASN A 361 -6.90 8.85 -21.41
N LYS A 362 -7.85 9.37 -20.64
CA LYS A 362 -7.79 10.78 -20.18
C LYS A 362 -7.86 10.92 -18.64
N PRO A 363 -6.70 10.79 -17.96
CA PRO A 363 -6.74 10.59 -16.50
C PRO A 363 -7.31 11.75 -15.67
N GLU A 364 -8.02 11.39 -14.60
CA GLU A 364 -8.89 12.28 -13.80
C GLU A 364 -9.50 13.46 -14.57
N ASN B 18 -49.31 23.05 19.41
CA ASN B 18 -50.00 21.73 19.40
CA ASN B 18 -50.00 21.73 19.40
C ASN B 18 -49.14 20.70 18.64
N ILE B 19 -49.12 19.48 19.12
CA ILE B 19 -48.51 18.45 18.32
CA ILE B 19 -48.56 18.37 18.35
C ILE B 19 -49.20 18.34 16.96
N GLN B 20 -48.38 18.27 15.91
CA GLN B 20 -48.88 18.20 14.55
C GLN B 20 -49.22 16.73 14.26
N VAL B 21 -50.39 16.48 13.68
CA VAL B 21 -50.80 15.11 13.37
C VAL B 21 -51.21 15.00 11.91
N VAL B 22 -50.54 14.11 11.20
CA VAL B 22 -50.87 13.86 9.81
C VAL B 22 -51.19 12.39 9.62
N VAL B 23 -51.88 12.10 8.52
CA VAL B 23 -52.28 10.74 8.19
C VAL B 23 -51.73 10.39 6.83
N ARG B 24 -51.23 9.17 6.72
CA ARG B 24 -50.86 8.67 5.40
C ARG B 24 -51.56 7.34 5.15
N CYS B 25 -52.28 7.26 4.04
CA CYS B 25 -52.91 6.03 3.62
C CYS B 25 -52.03 5.38 2.55
N ARG B 26 -51.68 4.10 2.70
CA ARG B 26 -50.93 3.38 1.65
C ARG B 26 -51.88 2.86 0.55
N PRO B 27 -51.36 2.60 -0.66
CA PRO B 27 -52.15 1.97 -1.71
C PRO B 27 -52.51 0.55 -1.29
N PHE B 28 -53.51 -0.04 -1.95
CA PHE B 28 -53.73 -1.49 -1.87
C PHE B 28 -52.46 -2.29 -2.19
N ASN B 29 -52.29 -3.45 -1.54
CA ASN B 29 -51.23 -4.38 -1.94
C ASN B 29 -51.83 -5.55 -2.73
N LEU B 30 -50.98 -6.44 -3.23
CA LEU B 30 -51.42 -7.43 -4.21
C LEU B 30 -52.38 -8.47 -3.65
N ALA B 31 -52.19 -8.87 -2.40
CA ALA B 31 -53.12 -9.74 -1.69
C ALA B 31 -54.53 -9.12 -1.52
N GLU B 32 -54.58 -7.83 -1.21
CA GLU B 32 -55.85 -7.11 -1.19
C GLU B 32 -56.54 -7.10 -2.55
N ARG B 33 -55.80 -6.80 -3.61
CA ARG B 33 -56.38 -6.75 -4.94
C ARG B 33 -56.86 -8.14 -5.36
N LYS B 34 -56.11 -9.16 -4.94
CA LYS B 34 -56.50 -10.54 -5.24
C LYS B 34 -57.77 -10.94 -4.51
N ALA B 35 -57.98 -10.38 -3.32
CA ALA B 35 -59.16 -10.65 -2.52
C ALA B 35 -60.32 -9.73 -2.85
N SER B 36 -60.21 -9.06 -3.99
CA SER B 36 -61.10 -8.00 -4.47
C SER B 36 -61.51 -7.03 -3.37
N ALA B 37 -60.53 -6.49 -2.64
CA ALA B 37 -60.79 -5.61 -1.52
C ALA B 37 -61.46 -4.33 -1.99
N HIS B 38 -62.45 -3.83 -1.23
CA HIS B 38 -62.98 -2.48 -1.52
C HIS B 38 -62.31 -1.45 -0.62
N SER B 39 -62.23 -0.23 -1.12
CA SER B 39 -61.78 0.88 -0.31
C SER B 39 -62.90 1.41 0.62
N ILE B 40 -62.51 1.68 1.86
CA ILE B 40 -63.37 2.42 2.76
C ILE B 40 -62.77 3.78 3.13
N VAL B 41 -61.71 4.20 2.47
CA VAL B 41 -61.00 5.41 2.93
C VAL B 41 -60.95 6.43 1.81
N GLU B 42 -61.44 7.63 2.08
CA GLU B 42 -61.21 8.77 1.18
C GLU B 42 -60.38 9.83 1.86
N CYS B 43 -59.31 10.24 1.18
CA CYS B 43 -58.44 11.28 1.69
C CYS B 43 -58.62 12.55 0.84
N ASP B 44 -58.91 13.69 1.48
CA ASP B 44 -59.08 14.92 0.75
C ASP B 44 -57.99 15.86 1.23
N PRO B 45 -56.90 15.98 0.45
CA PRO B 45 -55.76 16.80 0.92
C PRO B 45 -56.12 18.29 1.09
N VAL B 46 -57.08 18.79 0.32
CA VAL B 46 -57.46 20.20 0.34
C VAL B 46 -58.24 20.54 1.60
N ARG B 47 -59.23 19.72 1.94
CA ARG B 47 -59.97 19.89 3.19
CA ARG B 47 -59.97 19.89 3.19
C ARG B 47 -59.20 19.32 4.37
N LYS B 48 -58.11 18.60 4.07
CA LYS B 48 -57.29 17.98 5.13
C LYS B 48 -58.14 17.00 5.91
N GLU B 49 -59.00 16.29 5.21
CA GLU B 49 -59.95 15.36 5.81
C GLU B 49 -59.69 13.93 5.39
N VAL B 50 -59.89 13.01 6.32
CA VAL B 50 -59.92 11.59 6.00
C VAL B 50 -61.34 11.16 6.33
N SER B 51 -62.00 10.48 5.39
CA SER B 51 -63.35 10.03 5.62
C SER B 51 -63.48 8.55 5.43
N VAL B 52 -64.01 7.86 6.44
CA VAL B 52 -64.05 6.40 6.43
C VAL B 52 -65.50 5.93 6.28
N ARG B 53 -65.73 5.07 5.29
CA ARG B 53 -67.04 4.40 5.07
C ARG B 53 -67.25 3.29 6.11
N THR B 54 -68.18 3.45 7.05
CA THR B 54 -68.24 2.54 8.20
C THR B 54 -69.39 1.50 8.21
N GLY B 55 -70.32 1.62 7.26
CA GLY B 55 -71.58 0.86 7.37
C GLY B 55 -71.68 -0.40 6.53
N GLY B 56 -70.61 -0.73 5.80
CA GLY B 56 -70.53 -2.03 5.13
C GLY B 56 -71.68 -2.20 4.16
N LEU B 57 -72.32 -3.38 4.22
CA LEU B 57 -73.51 -3.67 3.39
C LEU B 57 -74.78 -3.07 3.97
N ALA B 58 -74.77 -2.71 5.25
CA ALA B 58 -75.97 -2.34 6.00
C ALA B 58 -76.43 -0.90 5.80
N ASP B 59 -75.49 0.05 5.83
CA ASP B 59 -75.83 1.47 5.85
C ASP B 59 -74.83 2.22 4.97
N LYS B 60 -75.26 2.56 3.76
CA LYS B 60 -74.39 3.17 2.78
C LYS B 60 -74.04 4.61 3.12
N SER B 61 -74.72 5.20 4.10
CA SER B 61 -74.50 6.62 4.36
C SER B 61 -73.55 6.93 5.52
N SER B 62 -73.30 5.96 6.39
CA SER B 62 -72.50 6.24 7.56
CA SER B 62 -72.48 6.19 7.57
C SER B 62 -71.03 6.47 7.21
N ARG B 63 -70.46 7.50 7.84
CA ARG B 63 -69.03 7.81 7.68
C ARG B 63 -68.52 8.29 9.00
N LYS B 64 -67.20 8.22 9.17
CA LYS B 64 -66.53 8.94 10.23
CA LYS B 64 -66.52 8.94 10.23
C LYS B 64 -65.50 9.83 9.53
N THR B 65 -65.53 11.14 9.82
CA THR B 65 -64.70 12.09 9.10
C THR B 65 -63.82 12.82 10.09
N TYR B 66 -62.52 12.90 9.80
CA TYR B 66 -61.57 13.45 10.77
C TYR B 66 -60.74 14.48 10.03
N THR B 67 -60.49 15.59 10.69
CA THR B 67 -59.66 16.62 10.10
CA THR B 67 -59.67 16.66 10.14
C THR B 67 -58.27 16.59 10.76
N PHE B 68 -57.24 16.65 9.93
CA PHE B 68 -55.88 16.56 10.44
C PHE B 68 -55.09 17.77 9.93
N ASP B 69 -53.82 17.86 10.32
CA ASP B 69 -52.95 18.95 9.88
C ASP B 69 -52.55 18.74 8.43
N MET B 70 -52.38 17.48 8.03
CA MET B 70 -52.17 17.20 6.63
C MET B 70 -52.67 15.79 6.40
N VAL B 71 -53.09 15.52 5.19
CA VAL B 71 -53.62 14.20 4.82
C VAL B 71 -52.92 13.78 3.52
N PHE B 72 -52.35 12.58 3.54
CA PHE B 72 -51.66 12.02 2.37
C PHE B 72 -52.35 10.75 1.90
N GLY B 73 -52.93 10.82 0.72
CA GLY B 73 -53.63 9.66 0.14
C GLY B 73 -52.68 8.66 -0.47
N ALA B 74 -53.27 7.60 -1.03
CA ALA B 74 -52.53 6.43 -1.50
C ALA B 74 -51.49 6.76 -2.57
N SER B 75 -51.73 7.80 -3.35
CA SER B 75 -50.84 8.13 -4.43
C SER B 75 -49.62 8.98 -3.97
N THR B 76 -49.53 9.29 -2.68
CA THR B 76 -48.48 10.17 -2.16
C THR B 76 -47.16 9.40 -2.22
N LYS B 77 -46.13 10.01 -2.82
CA LYS B 77 -44.78 9.40 -2.92
C LYS B 77 -43.88 9.80 -1.74
N GLN B 78 -42.78 9.07 -1.52
CA GLN B 78 -41.92 9.38 -0.38
C GLN B 78 -41.46 10.84 -0.42
N ILE B 79 -41.11 11.32 -1.61
CA ILE B 79 -40.57 12.67 -1.72
C ILE B 79 -41.60 13.72 -1.28
N ASP B 80 -42.88 13.43 -1.50
CA ASP B 80 -43.96 14.37 -1.08
C ASP B 80 -44.09 14.39 0.44
N VAL B 81 -43.96 13.24 1.10
CA VAL B 81 -43.98 13.21 2.57
C VAL B 81 -42.81 14.03 3.11
N TYR B 82 -41.63 13.77 2.56
CA TYR B 82 -40.44 14.49 3.00
C TYR B 82 -40.61 15.98 2.79
N ARG B 83 -40.99 16.38 1.59
CA ARG B 83 -41.12 17.82 1.37
C ARG B 83 -42.16 18.48 2.26
N SER B 84 -43.33 17.85 2.42
CA SER B 84 -44.40 18.49 3.18
C SER B 84 -44.14 18.49 4.67
N VAL B 85 -43.73 17.35 5.21
CA VAL B 85 -43.64 17.20 6.65
C VAL B 85 -42.25 17.52 7.17
N VAL B 86 -41.22 16.93 6.56
CA VAL B 86 -39.90 16.95 7.22
C VAL B 86 -39.11 18.21 6.94
N CYS B 87 -39.19 18.74 5.73
CA CYS B 87 -38.42 19.95 5.40
CA CYS B 87 -38.40 19.92 5.41
C CYS B 87 -38.57 21.05 6.44
N PRO B 88 -39.83 21.42 6.76
CA PRO B 88 -39.96 22.46 7.78
C PRO B 88 -39.43 22.05 9.14
N ILE B 89 -39.56 20.78 9.50
CA ILE B 89 -39.04 20.32 10.79
C ILE B 89 -37.52 20.40 10.81
N LEU B 90 -36.88 19.97 9.72
CA LEU B 90 -35.42 20.02 9.69
C LEU B 90 -34.91 21.47 9.78
N ASP B 91 -35.56 22.42 9.09
CA ASP B 91 -35.26 23.85 9.29
C ASP B 91 -35.27 24.20 10.78
N GLU B 92 -36.32 23.77 11.50
CA GLU B 92 -36.41 24.02 12.93
C GLU B 92 -35.23 23.36 13.69
N VAL B 93 -34.85 22.16 13.29
CA VAL B 93 -33.76 21.46 14.00
C VAL B 93 -32.45 22.25 13.86
N ILE B 94 -32.23 22.77 12.65
CA ILE B 94 -31.03 23.50 12.34
C ILE B 94 -31.01 24.85 13.03
N MET B 95 -32.16 25.32 13.51
CA MET B 95 -32.23 26.53 14.31
C MET B 95 -31.88 26.21 15.75
N GLY B 96 -31.71 24.93 16.06
CA GLY B 96 -31.35 24.50 17.41
C GLY B 96 -32.53 24.11 18.27
N TYR B 97 -33.63 23.73 17.62
CA TYR B 97 -34.79 23.17 18.33
C TYR B 97 -34.66 21.65 18.36
N ASN B 98 -35.33 21.01 19.32
CA ASN B 98 -35.45 19.57 19.32
C ASN B 98 -36.79 19.22 18.68
N CYS B 99 -36.81 18.21 17.79
CA CYS B 99 -38.03 17.77 17.12
C CYS B 99 -38.13 16.24 17.13
N THR B 100 -39.37 15.74 17.11
CA THR B 100 -39.65 14.31 17.08
C THR B 100 -40.78 14.03 16.12
N ILE B 101 -40.60 13.00 15.30
CA ILE B 101 -41.63 12.48 14.43
C ILE B 101 -41.79 11.02 14.80
N PHE B 102 -43.03 10.63 15.11
CA PHE B 102 -43.24 9.21 15.26
CA PHE B 102 -43.46 9.27 15.48
C PHE B 102 -44.35 8.73 14.37
N ALA B 103 -44.18 7.51 13.90
CA ALA B 103 -45.21 6.88 13.06
C ALA B 103 -46.00 5.92 13.94
N TYR B 104 -47.33 5.89 13.75
CA TYR B 104 -48.21 5.10 14.62
C TYR B 104 -49.25 4.45 13.72
N GLY B 105 -49.53 3.17 13.92
CA GLY B 105 -50.54 2.53 13.09
C GLY B 105 -50.38 1.04 13.09
N GLN B 106 -51.32 0.34 12.47
CA GLN B 106 -51.29 -1.13 12.49
C GLN B 106 -50.10 -1.73 11.72
N THR B 107 -49.57 -2.87 12.18
CA THR B 107 -48.58 -3.59 11.35
C THR B 107 -49.02 -3.72 9.91
N GLY B 108 -48.15 -3.38 8.96
CA GLY B 108 -48.52 -3.53 7.57
C GLY B 108 -49.08 -2.27 6.90
N THR B 109 -49.20 -1.16 7.63
CA THR B 109 -49.76 0.07 7.02
C THR B 109 -48.74 1.05 6.48
N GLY B 110 -47.47 0.81 6.78
CA GLY B 110 -46.44 1.71 6.24
C GLY B 110 -45.62 2.56 7.19
N LYS B 111 -45.54 2.17 8.46
CA LYS B 111 -44.70 2.89 9.42
C LYS B 111 -43.21 2.85 9.03
N THR B 112 -42.70 1.68 8.72
CA THR B 112 -41.28 1.51 8.43
C THR B 112 -41.02 2.08 7.04
N PHE B 113 -41.93 1.81 6.12
CA PHE B 113 -41.87 2.43 4.80
C PHE B 113 -41.74 3.95 4.86
N THR B 114 -42.52 4.57 5.75
CA THR B 114 -42.51 6.01 5.90
C THR B 114 -41.21 6.50 6.56
N MET B 115 -40.82 5.88 7.68
CA MET B 115 -39.74 6.43 8.51
C MET B 115 -38.39 6.08 7.91
N GLU B 116 -38.25 4.87 7.34
CA GLU B 116 -36.97 4.44 6.75
C GLU B 116 -37.01 4.34 5.24
N GLY B 117 -38.06 3.71 4.74
CA GLY B 117 -38.17 3.36 3.35
C GLY B 117 -37.53 2.01 3.05
N GLU B 118 -37.34 1.77 1.75
CA GLU B 118 -36.83 0.51 1.24
C GLU B 118 -35.78 0.85 0.19
N ARG B 119 -34.86 -0.07 -0.09
CA ARG B 119 -33.94 0.10 -1.23
C ARG B 119 -34.57 -0.51 -2.46
N SER B 120 -34.58 0.21 -3.57
CA SER B 120 -35.00 -0.38 -4.86
C SER B 120 -33.99 -1.47 -5.26
N PRO B 121 -34.45 -2.53 -5.96
CA PRO B 121 -33.58 -3.67 -6.18
C PRO B 121 -32.59 -3.45 -7.33
N ASN B 122 -31.54 -4.26 -7.34
CA ASN B 122 -30.62 -4.33 -8.48
C ASN B 122 -29.81 -3.07 -8.65
N GLU B 123 -29.53 -2.43 -7.53
CA GLU B 123 -28.68 -1.25 -7.55
C GLU B 123 -29.11 -0.23 -8.58
N GLU B 124 -30.42 -0.15 -8.85
CA GLU B 124 -30.90 0.75 -9.89
C GLU B 124 -30.58 2.21 -9.57
N TYR B 125 -30.61 2.59 -8.28
CA TYR B 125 -30.46 4.00 -7.91
C TYR B 125 -29.37 4.17 -6.90
N THR B 126 -28.76 5.35 -6.86
CA THR B 126 -28.00 5.72 -5.68
C THR B 126 -28.95 5.83 -4.47
N TRP B 127 -28.43 5.64 -3.26
CA TRP B 127 -29.31 5.72 -2.10
C TRP B 127 -29.96 7.11 -1.97
N GLU B 128 -29.28 8.16 -2.45
CA GLU B 128 -29.79 9.54 -2.41
C GLU B 128 -30.98 9.77 -3.32
N GLU B 129 -31.05 9.02 -4.43
CA GLU B 129 -32.11 9.22 -5.42
CA GLU B 129 -32.09 9.22 -5.41
C GLU B 129 -33.11 8.08 -5.42
N ASP B 130 -32.96 7.12 -4.51
CA ASP B 130 -33.85 5.98 -4.56
C ASP B 130 -35.29 6.49 -4.26
N PRO B 131 -36.25 6.30 -5.16
CA PRO B 131 -37.60 6.86 -4.89
C PRO B 131 -38.29 6.16 -3.72
N LEU B 132 -37.77 5.02 -3.29
CA LEU B 132 -38.36 4.32 -2.15
C LEU B 132 -37.72 4.71 -0.83
N ALA B 133 -36.63 5.49 -0.89
CA ALA B 133 -36.05 5.98 0.38
C ALA B 133 -37.11 6.69 1.20
N GLY B 134 -37.02 6.52 2.52
CA GLY B 134 -37.92 7.19 3.49
C GLY B 134 -37.32 8.41 4.16
N ILE B 135 -37.90 8.78 5.28
CA ILE B 135 -37.56 10.00 6.01
C ILE B 135 -36.10 10.00 6.52
N ILE B 136 -35.64 8.90 7.10
CA ILE B 136 -34.32 8.85 7.75
C ILE B 136 -33.18 9.13 6.74
N PRO B 137 -33.13 8.41 5.61
CA PRO B 137 -31.99 8.69 4.68
C PRO B 137 -32.14 10.04 3.96
N ARG B 138 -33.36 10.45 3.65
CA ARG B 138 -33.59 11.75 3.02
C ARG B 138 -33.11 12.85 3.92
N THR B 139 -33.37 12.72 5.21
CA THR B 139 -33.00 13.74 6.17
C THR B 139 -31.46 13.86 6.29
N LEU B 140 -30.80 12.71 6.40
CA LEU B 140 -29.36 12.68 6.54
C LEU B 140 -28.74 13.33 5.31
N HIS B 141 -29.16 12.91 4.12
CA HIS B 141 -28.69 13.55 2.90
C HIS B 141 -28.84 15.07 3.00
N GLN B 142 -30.05 15.52 3.30
CA GLN B 142 -30.37 16.94 3.33
C GLN B 142 -29.64 17.74 4.38
N ILE B 143 -29.34 17.13 5.53
CA ILE B 143 -28.53 17.80 6.55
C ILE B 143 -27.16 18.18 5.99
N PHE B 144 -26.47 17.26 5.31
CA PHE B 144 -25.20 17.60 4.63
C PHE B 144 -25.34 18.60 3.49
N GLU B 145 -26.34 18.41 2.64
CA GLU B 145 -26.60 19.38 1.56
C GLU B 145 -26.77 20.80 2.08
N LYS B 146 -27.54 20.96 3.15
CA LYS B 146 -27.94 22.29 3.56
C LYS B 146 -26.82 22.97 4.32
N LEU B 147 -26.12 22.21 5.15
CA LEU B 147 -25.14 22.81 6.02
C LEU B 147 -23.78 22.98 5.32
N THR B 148 -23.49 22.14 4.35
CA THR B 148 -22.22 22.15 3.73
C THR B 148 -22.08 23.49 3.06
N ASP B 149 -23.04 23.86 2.23
CA ASP B 149 -23.01 25.19 1.72
C ASP B 149 -22.83 26.11 2.89
N ASN B 150 -23.92 26.56 3.43
CA ASN B 150 -23.82 27.47 4.54
CA ASN B 150 -23.83 27.39 4.57
C ASN B 150 -22.55 28.26 4.83
N GLY B 151 -21.64 27.71 5.61
CA GLY B 151 -20.49 28.47 6.09
C GLY B 151 -20.08 28.06 7.49
N THR B 152 -20.98 27.40 8.20
CA THR B 152 -20.80 27.13 9.63
C THR B 152 -20.07 25.81 9.85
N GLU B 153 -19.22 25.78 10.86
CA GLU B 153 -18.67 24.54 11.42
C GLU B 153 -19.84 23.74 11.98
N PHE B 154 -20.07 22.54 11.45
CA PHE B 154 -21.08 21.63 12.04
C PHE B 154 -20.58 20.19 12.18
N SER B 155 -21.16 19.44 13.14
CA SER B 155 -20.95 18.00 13.16
C SER B 155 -22.27 17.27 13.36
N VAL B 156 -22.34 16.03 12.89
CA VAL B 156 -23.58 15.24 12.86
C VAL B 156 -23.27 13.92 13.55
N LYS B 157 -24.09 13.49 14.51
CA LYS B 157 -23.93 12.15 15.05
C LYS B 157 -25.28 11.43 15.07
N VAL B 158 -25.26 10.12 14.86
CA VAL B 158 -26.51 9.35 14.78
C VAL B 158 -26.47 8.20 15.77
N SER B 159 -27.67 7.77 16.21
CA SER B 159 -27.79 6.52 16.94
C SER B 159 -29.10 5.88 16.56
N LEU B 160 -29.15 4.58 16.77
CA LEU B 160 -30.35 3.82 16.43
C LEU B 160 -30.48 2.69 17.41
N LEU B 161 -31.44 2.82 18.32
CA LEU B 161 -31.75 1.77 19.27
C LEU B 161 -33.17 1.21 19.00
N GLU B 162 -33.39 -0.02 19.46
CA GLU B 162 -34.75 -0.58 19.42
C GLU B 162 -35.16 -1.10 20.78
N ILE B 163 -36.46 -1.00 21.06
CA ILE B 163 -37.04 -1.48 22.31
C ILE B 163 -37.92 -2.66 21.93
N TYR B 164 -37.64 -3.81 22.53
CA TYR B 164 -38.47 -5.00 22.38
C TYR B 164 -38.64 -5.65 23.77
N ASN B 165 -39.88 -5.91 24.18
CA ASN B 165 -40.10 -6.49 25.53
C ASN B 165 -39.42 -5.66 26.63
N GLU B 166 -39.39 -4.34 26.43
CA GLU B 166 -38.77 -3.43 27.39
C GLU B 166 -37.24 -3.67 27.50
N GLU B 167 -36.65 -4.37 26.52
CA GLU B 167 -35.19 -4.48 26.45
C GLU B 167 -34.68 -3.53 25.37
N LEU B 168 -33.45 -3.01 25.49
CA LEU B 168 -32.95 -2.01 24.54
C LEU B 168 -31.73 -2.57 23.81
N PHE B 169 -31.75 -2.53 22.49
CA PHE B 169 -30.71 -3.12 21.66
C PHE B 169 -30.17 -1.98 20.80
N ASP B 170 -28.87 -2.06 20.51
CA ASP B 170 -28.16 -0.98 19.79
C ASP B 170 -27.82 -1.44 18.39
N LEU B 171 -28.48 -0.90 17.37
CA LEU B 171 -28.27 -1.45 16.03
C LEU B 171 -26.96 -0.94 15.40
N LEU B 172 -26.40 0.13 15.94
CA LEU B 172 -25.18 0.69 15.36
C LEU B 172 -23.93 0.33 16.14
N ASN B 173 -24.12 -0.47 17.18
CA ASN B 173 -23.00 -0.79 18.04
C ASN B 173 -21.95 -1.62 17.32
N PRO B 174 -20.66 -1.33 17.58
CA PRO B 174 -19.62 -2.21 17.04
C PRO B 174 -19.67 -3.65 17.55
N SER B 175 -20.27 -3.90 18.72
CA SER B 175 -20.39 -5.26 19.20
C SER B 175 -21.05 -6.09 18.12
N SER B 176 -20.55 -7.30 17.91
CA SER B 176 -21.09 -8.12 16.82
C SER B 176 -22.43 -8.82 17.18
N ASP B 177 -22.74 -8.92 18.47
CA ASP B 177 -23.95 -9.61 18.94
C ASP B 177 -25.05 -8.56 19.22
N VAL B 178 -26.06 -8.51 18.37
CA VAL B 178 -27.15 -7.51 18.50
C VAL B 178 -27.91 -7.64 19.85
N SER B 179 -27.83 -8.80 20.52
CA SER B 179 -28.56 -9.03 21.78
C SER B 179 -27.96 -8.38 23.04
N GLU B 180 -26.80 -7.73 22.91
CA GLU B 180 -26.16 -7.13 24.10
C GLU B 180 -26.95 -5.89 24.46
N ARG B 181 -27.40 -5.80 25.71
CA ARG B 181 -28.46 -4.83 26.05
C ARG B 181 -27.90 -3.53 26.62
N LEU B 182 -28.57 -2.45 26.25
CA LEU B 182 -28.33 -1.12 26.81
C LEU B 182 -29.09 -0.98 28.10
N GLN B 183 -28.80 0.08 28.85
CA GLN B 183 -29.62 0.38 30.01
C GLN B 183 -29.91 1.87 30.02
N MET B 184 -30.97 2.25 30.70
CA MET B 184 -31.41 3.64 30.68
C MET B 184 -31.25 4.18 32.09
N PHE B 185 -30.81 5.43 32.25
CA PHE B 185 -30.79 6.13 33.54
CA PHE B 185 -30.96 6.08 33.54
C PHE B 185 -31.39 7.55 33.42
N ASP B 186 -31.98 8.07 34.48
CA ASP B 186 -32.35 9.51 34.49
C ASP B 186 -31.17 10.41 34.16
N ASP B 187 -31.42 11.44 33.37
CA ASP B 187 -30.34 12.35 33.03
C ASP B 187 -30.25 13.45 34.07
N PRO B 188 -29.12 13.48 34.80
CA PRO B 188 -29.02 14.37 35.97
C PRO B 188 -29.12 15.86 35.62
N ARG B 189 -28.74 16.24 34.40
CA ARG B 189 -28.84 17.65 34.00
CA ARG B 189 -28.81 17.64 33.97
C ARG B 189 -29.98 17.95 33.03
N ASN B 190 -30.93 17.00 32.91
CA ASN B 190 -32.20 17.24 32.21
C ASN B 190 -33.35 16.55 32.92
N LYS B 191 -34.31 17.35 33.34
CA LYS B 191 -35.42 16.93 34.19
C LYS B 191 -36.26 15.84 33.51
N ARG B 192 -36.51 16.00 32.22
CA ARG B 192 -37.32 15.03 31.46
C ARG B 192 -36.49 14.17 30.50
N GLY B 193 -35.21 14.02 30.79
CA GLY B 193 -34.29 13.38 29.86
C GLY B 193 -33.75 12.09 30.44
N VAL B 194 -33.30 11.19 29.58
CA VAL B 194 -32.62 9.99 30.04
C VAL B 194 -31.27 9.89 29.36
N ILE B 195 -30.39 9.08 29.91
CA ILE B 195 -29.18 8.74 29.19
C ILE B 195 -29.18 7.25 28.91
N ILE B 196 -28.82 6.91 27.69
CA ILE B 196 -28.82 5.51 27.32
C ILE B 196 -27.38 5.01 27.49
N LYS B 197 -27.11 4.26 28.56
CA LYS B 197 -25.75 3.71 28.82
CA LYS B 197 -25.77 3.70 28.84
C LYS B 197 -25.40 2.59 27.85
N GLY B 198 -24.27 2.75 27.17
CA GLY B 198 -23.83 1.77 26.18
C GLY B 198 -24.08 2.24 24.77
N LEU B 199 -24.88 3.28 24.58
CA LEU B 199 -25.35 3.62 23.23
C LEU B 199 -24.21 4.12 22.36
N GLU B 200 -24.01 3.51 21.21
CA GLU B 200 -23.08 4.05 20.21
C GLU B 200 -23.66 5.24 19.45
N GLU B 201 -22.98 6.38 19.51
CA GLU B 201 -23.32 7.50 18.64
C GLU B 201 -22.21 7.70 17.65
N ILE B 202 -22.52 7.53 16.37
CA ILE B 202 -21.50 7.58 15.34
C ILE B 202 -21.44 8.98 14.75
N THR B 203 -20.24 9.56 14.75
CA THR B 203 -20.10 10.88 14.15
C THR B 203 -20.08 10.65 12.66
N VAL B 204 -20.94 11.33 11.93
CA VAL B 204 -21.02 11.08 10.50
C VAL B 204 -20.27 12.26 9.84
N HIS B 205 -19.11 11.98 9.25
CA HIS B 205 -18.24 13.09 8.82
C HIS B 205 -18.69 13.72 7.51
N ASN B 206 -19.27 12.93 6.63
CA ASN B 206 -19.82 13.45 5.39
CA ASN B 206 -19.85 13.48 5.42
C ASN B 206 -20.90 12.52 4.86
N LYS B 207 -21.63 12.97 3.84
CA LYS B 207 -22.73 12.20 3.28
C LYS B 207 -22.29 10.83 2.76
N ASP B 208 -21.04 10.68 2.34
CA ASP B 208 -20.65 9.35 1.82
C ASP B 208 -20.28 8.34 2.91
N GLU B 209 -20.43 8.71 4.18
CA GLU B 209 -20.42 7.72 5.27
C GLU B 209 -21.82 7.20 5.68
N VAL B 210 -22.85 7.90 5.23
CA VAL B 210 -24.24 7.55 5.62
C VAL B 210 -24.64 6.11 5.30
N TYR B 211 -24.52 5.72 4.05
CA TYR B 211 -25.17 4.51 3.62
C TYR B 211 -24.66 3.25 4.34
N GLN B 212 -23.35 3.12 4.51
CA GLN B 212 -22.83 1.93 5.17
CA GLN B 212 -22.76 1.98 5.19
C GLN B 212 -23.22 1.87 6.64
N ILE B 213 -23.38 3.00 7.29
CA ILE B 213 -23.89 2.98 8.65
C ILE B 213 -25.33 2.43 8.68
N LEU B 214 -26.18 2.93 7.78
CA LEU B 214 -27.56 2.45 7.69
C LEU B 214 -27.67 0.97 7.31
N GLU B 215 -26.82 0.59 6.37
CA GLU B 215 -26.73 -0.80 5.90
C GLU B 215 -26.37 -1.78 7.03
N LYS B 216 -25.43 -1.40 7.89
CA LYS B 216 -25.01 -2.27 8.96
C LYS B 216 -26.07 -2.35 10.05
N GLY B 217 -26.74 -1.24 10.32
CA GLY B 217 -27.83 -1.25 11.27
C GLY B 217 -28.94 -2.15 10.78
N ALA B 218 -29.26 -2.07 9.50
CA ALA B 218 -30.29 -2.92 8.91
C ALA B 218 -29.92 -4.40 9.02
N ALA B 219 -28.65 -4.73 8.76
CA ALA B 219 -28.18 -6.09 8.94
C ALA B 219 -28.29 -6.59 10.38
N LYS B 220 -27.99 -5.74 11.36
CA LYS B 220 -28.18 -6.16 12.76
CA LYS B 220 -28.18 -6.08 12.78
C LYS B 220 -29.63 -6.43 13.08
N ARG B 221 -30.54 -5.66 12.48
CA ARG B 221 -31.95 -5.77 12.79
C ARG B 221 -32.46 -7.07 12.17
N THR B 222 -31.94 -7.40 10.99
CA THR B 222 -32.27 -8.69 10.38
C THR B 222 -31.87 -9.87 11.25
N THR B 223 -30.69 -9.80 11.84
CA THR B 223 -30.28 -10.83 12.79
C THR B 223 -31.23 -10.84 14.00
N ALA B 224 -31.53 -9.67 14.57
CA ALA B 224 -32.42 -9.61 15.73
C ALA B 224 -33.76 -10.30 15.46
N ALA B 225 -34.29 -10.10 14.25
CA ALA B 225 -35.57 -10.71 13.90
C ALA B 225 -35.53 -12.22 13.89
N THR B 226 -34.34 -12.80 13.66
CA THR B 226 -34.22 -14.26 13.73
C THR B 226 -34.15 -14.78 15.15
N LEU B 227 -33.97 -13.89 16.13
CA LEU B 227 -33.67 -14.31 17.50
C LEU B 227 -34.90 -14.21 18.40
N MET B 228 -35.79 -13.31 18.03
CA MET B 228 -36.87 -12.92 18.92
C MET B 228 -38.22 -12.99 18.17
N ASN B 229 -39.26 -13.43 18.86
CA ASN B 229 -40.56 -13.67 18.24
CA ASN B 229 -40.54 -13.67 18.21
C ASN B 229 -41.23 -12.37 17.81
N ALA B 230 -41.67 -12.28 16.56
CA ALA B 230 -42.47 -11.14 16.11
C ALA B 230 -41.70 -9.85 16.41
N TYR B 231 -40.41 -9.90 16.11
CA TYR B 231 -39.52 -8.79 16.48
C TYR B 231 -39.94 -7.49 15.80
N SER B 232 -40.13 -7.55 14.49
CA SER B 232 -40.27 -6.35 13.68
C SER B 232 -41.61 -5.66 14.01
N SER B 233 -42.62 -6.47 14.29
CA SER B 233 -43.92 -5.92 14.56
C SER B 233 -44.12 -5.45 16.01
N ARG B 234 -43.42 -6.06 16.96
CA ARG B 234 -43.47 -5.65 18.37
C ARG B 234 -42.39 -4.66 18.84
N SER B 235 -41.36 -4.43 18.04
CA SER B 235 -40.29 -3.47 18.42
C SER B 235 -40.70 -2.01 18.21
N HIS B 236 -40.13 -1.10 18.99
CA HIS B 236 -40.14 0.32 18.67
C HIS B 236 -38.72 0.72 18.23
N SER B 237 -38.58 1.45 17.13
CA SER B 237 -37.27 1.87 16.63
CA SER B 237 -37.26 1.87 16.64
C SER B 237 -37.10 3.36 16.87
N VAL B 238 -35.98 3.75 17.47
CA VAL B 238 -35.74 5.17 17.79
C VAL B 238 -34.43 5.55 17.11
N PHE B 239 -34.54 6.29 16.03
CA PHE B 239 -33.34 6.84 15.36
C PHE B 239 -33.18 8.29 15.83
N SER B 240 -31.96 8.69 16.21
CA SER B 240 -31.76 10.07 16.63
C SER B 240 -30.62 10.63 15.81
N VAL B 241 -30.79 11.86 15.32
CA VAL B 241 -29.69 12.62 14.72
CA VAL B 241 -29.67 12.59 14.75
C VAL B 241 -29.49 13.91 15.49
N THR B 242 -28.25 14.18 15.91
CA THR B 242 -27.93 15.35 16.73
C THR B 242 -26.96 16.19 15.89
N ILE B 243 -27.27 17.48 15.74
CA ILE B 243 -26.41 18.38 14.98
C ILE B 243 -25.86 19.45 15.92
N HIS B 244 -24.53 19.57 15.97
CA HIS B 244 -23.86 20.64 16.72
C HIS B 244 -23.34 21.65 15.70
N MET B 245 -23.70 22.90 15.87
CA MET B 245 -23.30 23.94 14.92
C MET B 245 -22.56 25.09 15.63
N LYS B 246 -21.30 25.32 15.27
CA LYS B 246 -20.52 26.38 15.95
C LYS B 246 -20.85 27.71 15.30
N GLU B 247 -21.74 28.47 15.93
CA GLU B 247 -22.16 29.76 15.40
C GLU B 247 -21.65 30.91 16.26
N GLY B 252 -23.95 36.08 21.87
CA GLY B 252 -24.78 35.87 20.69
C GLY B 252 -23.98 36.00 19.40
N GLU B 253 -23.33 34.90 19.01
CA GLU B 253 -22.26 34.92 18.01
C GLU B 253 -21.10 34.02 18.48
N GLU B 254 -21.15 33.58 19.74
CA GLU B 254 -20.10 32.74 20.34
CA GLU B 254 -20.10 32.71 20.30
C GLU B 254 -20.64 31.47 21.00
N LEU B 255 -21.63 30.82 20.38
CA LEU B 255 -22.34 29.66 20.98
C LEU B 255 -22.03 28.32 20.27
N VAL B 256 -22.48 27.21 20.86
CA VAL B 256 -22.53 25.94 20.11
C VAL B 256 -24.06 25.85 20.20
N LYS B 257 -24.76 25.45 19.13
CA LYS B 257 -26.22 25.45 19.09
CA LYS B 257 -26.23 25.45 19.10
C LYS B 257 -26.32 23.96 18.81
N ILE B 258 -27.25 23.29 19.49
CA ILE B 258 -27.46 21.86 19.31
C ILE B 258 -28.90 21.59 18.88
N GLY B 259 -29.07 20.95 17.72
CA GLY B 259 -30.40 20.52 17.28
C GLY B 259 -30.48 19.01 17.32
N LYS B 260 -31.61 18.47 17.77
CA LYS B 260 -31.82 17.04 17.81
C LYS B 260 -33.15 16.59 17.18
N LEU B 261 -33.08 15.62 16.27
CA LEU B 261 -34.26 15.08 15.61
C LEU B 261 -34.39 13.57 15.91
N ASN B 262 -35.46 13.20 16.63
CA ASN B 262 -35.81 11.80 16.86
C ASN B 262 -36.82 11.34 15.82
N LEU B 263 -36.50 10.22 15.20
CA LEU B 263 -37.38 9.60 14.20
C LEU B 263 -37.75 8.20 14.68
N VAL B 264 -39.03 8.04 15.02
CA VAL B 264 -39.51 6.92 15.81
C VAL B 264 -40.54 6.10 15.03
N ASP B 265 -40.30 4.81 14.94
CA ASP B 265 -41.14 3.90 14.18
C ASP B 265 -41.75 2.97 15.25
N LEU B 266 -42.97 3.26 15.71
CA LEU B 266 -43.52 2.53 16.87
C LEU B 266 -43.89 1.06 16.63
N ALA B 267 -44.02 0.25 17.68
CA ALA B 267 -44.68 -1.06 17.54
C ALA B 267 -46.07 -0.93 16.90
N GLY B 268 -46.50 -2.01 16.21
CA GLY B 268 -47.79 -2.03 15.55
C GLY B 268 -48.91 -1.81 16.57
N SER B 269 -49.83 -0.92 16.25
CA SER B 269 -50.88 -0.57 17.20
C SER B 269 -51.87 -1.70 17.49
N GLU B 270 -51.91 -2.75 16.68
CA GLU B 270 -53.00 -3.73 16.70
C GLU B 270 -53.18 -4.49 18.00
N ASN B 271 -54.48 -4.70 18.28
CA ASN B 271 -54.99 -5.32 19.51
C ASN B 271 -55.10 -6.82 19.29
N ASN B 287 -44.48 -7.45 29.58
CA ASN B 287 -43.54 -6.45 29.06
C ASN B 287 -43.61 -6.39 27.55
N ILE B 288 -44.06 -7.52 26.98
CA ILE B 288 -44.38 -7.62 25.56
C ILE B 288 -44.94 -6.34 24.95
N ASN B 289 -45.66 -5.54 25.66
CA ASN B 289 -46.43 -4.47 25.06
C ASN B 289 -46.48 -3.26 26.01
N GLN B 290 -45.65 -3.29 27.05
CA GLN B 290 -45.65 -2.25 28.08
C GLN B 290 -45.46 -0.85 27.53
N SER B 291 -44.53 -0.68 26.59
CA SER B 291 -44.29 0.64 26.02
C SER B 291 -45.48 1.19 25.20
N LEU B 292 -46.07 0.38 24.32
CA LEU B 292 -47.28 0.82 23.60
C LEU B 292 -48.43 1.16 24.56
N LEU B 293 -48.70 0.27 25.51
CA LEU B 293 -49.70 0.50 26.56
C LEU B 293 -49.50 1.81 27.29
N THR B 294 -48.28 2.04 27.74
CA THR B 294 -47.98 3.26 28.49
C THR B 294 -48.07 4.51 27.63
N LEU B 295 -47.66 4.39 26.37
CA LEU B 295 -47.78 5.51 25.46
C LEU B 295 -49.25 5.97 25.41
N GLY B 296 -50.16 5.01 25.26
CA GLY B 296 -51.61 5.31 25.26
C GLY B 296 -52.10 5.98 26.54
N ARG B 297 -51.66 5.49 27.68
CA ARG B 297 -51.96 6.15 28.95
C ARG B 297 -51.38 7.55 29.09
N VAL B 298 -50.16 7.75 28.58
CA VAL B 298 -49.55 9.06 28.61
C VAL B 298 -50.33 10.02 27.73
N ILE B 299 -50.65 9.60 26.51
CA ILE B 299 -51.44 10.42 25.60
C ILE B 299 -52.81 10.74 26.22
N THR B 300 -53.44 9.75 26.84
CA THR B 300 -54.72 9.98 27.53
C THR B 300 -54.63 11.04 28.63
N ALA B 301 -53.69 10.85 29.54
CA ALA B 301 -53.40 11.78 30.62
C ALA B 301 -53.07 13.18 30.14
N LEU B 302 -52.36 13.27 29.02
CA LEU B 302 -52.09 14.55 28.40
C LEU B 302 -53.37 15.20 27.84
N VAL B 303 -54.24 14.43 27.20
CA VAL B 303 -55.41 15.06 26.57
C VAL B 303 -56.40 15.51 27.63
N GLU B 304 -56.47 14.79 28.73
CA GLU B 304 -57.41 15.15 29.79
C GLU B 304 -56.81 16.04 30.85
N ARG B 305 -55.51 16.30 30.77
CA ARG B 305 -54.83 17.19 31.73
C ARG B 305 -54.78 16.67 33.17
N THR B 306 -54.77 15.37 33.33
CA THR B 306 -54.63 14.84 34.66
C THR B 306 -53.21 15.00 35.19
N PRO B 307 -53.10 14.87 36.51
CA PRO B 307 -51.92 15.18 37.29
C PRO B 307 -50.63 14.50 36.92
N HIS B 308 -50.45 13.24 37.24
CA HIS B 308 -49.15 12.65 36.99
C HIS B 308 -49.06 11.72 35.81
N VAL B 309 -48.77 12.31 34.68
CA VAL B 309 -48.51 11.57 33.45
C VAL B 309 -47.46 10.48 33.72
N PRO B 310 -47.80 9.21 33.49
CA PRO B 310 -46.96 8.05 33.89
C PRO B 310 -45.79 7.78 32.94
N TYR B 311 -44.98 8.79 32.64
CA TYR B 311 -43.83 8.62 31.74
C TYR B 311 -42.93 7.47 32.19
N ARG B 312 -42.80 7.29 33.50
CA ARG B 312 -41.73 6.42 33.99
C ARG B 312 -42.13 4.96 33.87
N GLU B 313 -43.37 4.71 33.47
CA GLU B 313 -43.85 3.33 33.47
C GLU B 313 -43.43 2.49 32.25
N SER B 314 -42.69 3.05 31.31
CA SER B 314 -42.14 2.24 30.21
C SER B 314 -40.89 2.87 29.64
N LYS B 315 -40.09 2.06 28.94
CA LYS B 315 -38.85 2.56 28.34
C LYS B 315 -39.17 3.62 27.31
N LEU B 316 -40.12 3.32 26.44
CA LEU B 316 -40.49 4.25 25.37
C LEU B 316 -40.88 5.64 25.88
N THR B 317 -41.72 5.70 26.91
CA THR B 317 -42.22 7.01 27.30
C THR B 317 -41.23 7.77 28.19
N ARG B 318 -40.26 7.08 28.80
CA ARG B 318 -39.11 7.80 29.38
C ARG B 318 -38.28 8.45 28.28
N ILE B 319 -38.12 7.73 27.18
CA ILE B 319 -37.41 8.24 26.04
C ILE B 319 -38.14 9.38 25.35
N LEU B 320 -39.47 9.28 25.27
CA LEU B 320 -40.30 10.28 24.59
CA LEU B 320 -40.24 10.32 24.59
C LEU B 320 -40.77 11.40 25.53
N GLN B 321 -40.44 11.30 26.83
CA GLN B 321 -40.90 12.29 27.81
C GLN B 321 -40.82 13.76 27.37
N ASP B 322 -39.65 14.24 26.93
CA ASP B 322 -39.61 15.61 26.45
CA ASP B 322 -39.45 15.57 26.34
C ASP B 322 -40.42 15.85 25.18
N SER B 323 -40.65 14.82 24.37
CA SER B 323 -41.43 15.00 23.15
C SER B 323 -42.95 15.06 23.38
N LEU B 324 -43.38 14.70 24.59
CA LEU B 324 -44.81 14.56 24.86
C LEU B 324 -45.24 15.48 26.00
N GLY B 325 -45.71 16.67 25.64
CA GLY B 325 -45.89 17.73 26.62
C GLY B 325 -44.53 17.97 27.27
N GLY B 326 -43.57 18.33 26.43
CA GLY B 326 -42.30 18.92 26.89
C GLY B 326 -41.94 19.99 25.89
N ARG B 327 -40.64 20.23 25.71
CA ARG B 327 -40.18 21.35 24.91
C ARG B 327 -39.96 20.99 23.44
N THR B 328 -39.84 19.70 23.18
CA THR B 328 -39.66 19.23 21.82
C THR B 328 -40.94 19.51 21.01
N ARG B 329 -40.79 19.95 19.76
CA ARG B 329 -41.92 20.00 18.82
C ARG B 329 -42.19 18.63 18.22
N THR B 330 -43.41 18.11 18.36
CA THR B 330 -43.69 16.72 17.97
C THR B 330 -44.68 16.64 16.81
N SER B 331 -44.40 15.71 15.89
CA SER B 331 -45.36 15.37 14.85
C SER B 331 -45.61 13.87 14.90
N ILE B 332 -46.83 13.50 14.53
CA ILE B 332 -47.23 12.10 14.49
C ILE B 332 -47.72 11.83 13.09
N ILE B 333 -47.19 10.76 12.50
CA ILE B 333 -47.69 10.30 11.23
C ILE B 333 -48.50 9.03 11.49
N ALA B 334 -49.82 9.15 11.37
CA ALA B 334 -50.69 8.00 11.53
C ALA B 334 -50.82 7.25 10.21
N THR B 335 -50.51 5.97 10.19
CA THR B 335 -50.55 5.23 8.94
C THR B 335 -51.75 4.30 8.93
N ILE B 336 -52.44 4.24 7.80
CA ILE B 336 -53.64 3.38 7.69
C ILE B 336 -53.62 2.64 6.35
N SER B 337 -54.43 1.59 6.28
CA SER B 337 -54.73 0.82 5.08
C SER B 337 -56.11 1.26 4.49
N PRO B 338 -56.30 1.13 3.17
CA PRO B 338 -57.58 1.56 2.59
C PRO B 338 -58.69 0.50 2.67
N ALA B 339 -58.35 -0.73 3.04
CA ALA B 339 -59.25 -1.86 2.80
C ALA B 339 -60.37 -1.96 3.83
N SER B 340 -61.54 -2.36 3.33
CA SER B 340 -62.70 -2.71 4.16
C SER B 340 -62.33 -3.68 5.28
N LEU B 341 -61.54 -4.71 4.96
CA LEU B 341 -61.14 -5.68 5.99
C LEU B 341 -60.60 -5.01 7.29
N ASN B 342 -59.88 -3.92 7.14
CA ASN B 342 -59.19 -3.34 8.27
C ASN B 342 -59.97 -2.22 8.92
N LEU B 343 -61.28 -2.15 8.71
CA LEU B 343 -62.09 -1.04 9.25
C LEU B 343 -61.84 -0.74 10.73
N GLU B 344 -61.96 -1.74 11.60
CA GLU B 344 -61.91 -1.47 13.05
C GLU B 344 -60.53 -0.90 13.43
N GLU B 345 -59.46 -1.48 12.88
CA GLU B 345 -58.15 -0.93 13.25
C GLU B 345 -57.91 0.44 12.64
N THR B 346 -58.38 0.64 11.41
CA THR B 346 -58.26 1.97 10.80
C THR B 346 -58.94 3.05 11.64
N LEU B 347 -60.15 2.77 12.13
CA LEU B 347 -60.88 3.72 12.95
C LEU B 347 -60.11 3.94 14.25
N SER B 348 -59.61 2.86 14.85
CA SER B 348 -58.86 3.02 16.09
C SER B 348 -57.61 3.91 15.95
N THR B 349 -56.90 3.76 14.84
CA THR B 349 -55.70 4.58 14.61
C THR B 349 -56.08 6.04 14.45
N LEU B 350 -57.11 6.29 13.66
CA LEU B 350 -57.57 7.65 13.42
C LEU B 350 -58.07 8.29 14.72
N GLU B 351 -58.82 7.56 15.54
CA GLU B 351 -59.30 8.17 16.79
C GLU B 351 -58.08 8.45 17.68
N TYR B 352 -57.17 7.48 17.78
CA TYR B 352 -55.99 7.65 18.62
C TYR B 352 -55.19 8.89 18.21
N ALA B 353 -54.95 9.06 16.91
CA ALA B 353 -54.05 10.13 16.47
C ALA B 353 -54.76 11.45 16.59
N HIS B 354 -56.04 11.43 16.23
CA HIS B 354 -56.82 12.65 16.33
C HIS B 354 -56.83 13.32 17.70
N ARG B 355 -57.06 12.55 18.76
CA ARG B 355 -57.03 13.07 20.13
C ARG B 355 -55.74 13.87 20.33
N ALA B 356 -54.66 13.35 19.73
CA ALA B 356 -53.32 13.80 20.10
C ALA B 356 -53.08 15.20 19.60
N LYS B 357 -53.90 15.68 18.65
CA LYS B 357 -53.76 17.06 18.18
C LYS B 357 -54.03 18.11 19.24
N ASN B 358 -54.80 17.74 20.27
CA ASN B 358 -55.14 18.66 21.36
C ASN B 358 -53.98 18.87 22.32
N ILE B 359 -52.96 18.05 22.22
CA ILE B 359 -51.82 18.17 23.12
C ILE B 359 -50.90 19.34 22.75
N LEU B 360 -50.61 20.21 23.71
CA LEU B 360 -49.63 21.29 23.51
C LEU B 360 -48.23 20.81 23.86
N ASN B 361 -47.22 21.23 23.10
CA ASN B 361 -45.85 21.23 23.60
C ASN B 361 -45.30 22.66 23.66
N LYS B 362 -44.15 22.85 24.31
CA LYS B 362 -43.48 24.16 24.39
C LYS B 362 -42.04 24.12 23.84
N PRO B 363 -41.87 24.25 22.51
CA PRO B 363 -40.57 24.09 21.83
C PRO B 363 -39.38 24.95 22.35
N GLU B 364 -38.32 24.26 22.79
CA GLU B 364 -37.11 24.82 23.40
C GLU B 364 -37.36 25.81 24.53
N LYS C 17 32.68 -8.97 10.99
CA LYS C 17 31.98 -7.75 11.49
C LYS C 17 32.05 -6.63 10.45
N ASN C 18 31.32 -6.81 9.35
CA ASN C 18 31.52 -6.12 8.08
C ASN C 18 32.97 -5.72 7.76
N ILE C 19 33.91 -6.13 8.59
CA ILE C 19 35.33 -5.84 8.37
C ILE C 19 36.21 -7.08 8.25
N GLN C 20 36.57 -7.40 7.02
CA GLN C 20 37.12 -8.70 6.71
C GLN C 20 38.65 -8.69 6.76
N VAL C 21 39.25 -9.65 7.45
CA VAL C 21 40.71 -9.74 7.50
C VAL C 21 41.23 -11.04 6.92
N VAL C 22 42.08 -10.91 5.92
CA VAL C 22 42.75 -12.04 5.29
C VAL C 22 44.27 -11.89 5.38
N VAL C 23 44.98 -13.02 5.38
CA VAL C 23 46.46 -13.00 5.37
C VAL C 23 46.99 -13.62 4.09
N ARG C 24 47.98 -12.99 3.46
CA ARG C 24 48.66 -13.60 2.30
C ARG C 24 50.17 -13.76 2.56
N CYS C 25 50.68 -14.98 2.39
CA CYS C 25 52.13 -15.19 2.53
C CYS C 25 52.78 -15.30 1.17
N ARG C 26 53.84 -14.55 0.94
CA ARG C 26 54.57 -14.66 -0.32
C ARG C 26 55.54 -15.83 -0.29
N PRO C 27 55.92 -16.34 -1.48
CA PRO C 27 56.97 -17.36 -1.51
C PRO C 27 58.33 -16.77 -1.17
N PHE C 28 59.32 -17.65 -1.00
CA PHE C 28 60.70 -17.22 -0.73
C PHE C 28 61.22 -16.54 -1.97
N ASN C 29 62.04 -15.51 -1.82
CA ASN C 29 62.73 -14.90 -2.96
C ASN C 29 64.14 -15.47 -3.07
N LEU C 30 64.86 -15.10 -4.13
CA LEU C 30 66.15 -15.69 -4.46
C LEU C 30 67.26 -15.45 -3.40
N ALA C 31 67.25 -14.27 -2.80
CA ALA C 31 68.17 -13.91 -1.73
C ALA C 31 67.92 -14.75 -0.47
N GLU C 32 66.66 -14.94 -0.11
CA GLU C 32 66.34 -15.82 1.01
C GLU C 32 66.85 -17.24 0.76
N ARG C 33 66.71 -17.73 -0.47
CA ARG C 33 67.15 -19.09 -0.78
C ARG C 33 68.68 -19.14 -0.77
N LYS C 34 69.31 -18.08 -1.28
CA LYS C 34 70.78 -17.94 -1.23
C LYS C 34 71.26 -18.02 0.23
N ALA C 35 70.50 -17.42 1.16
CA ALA C 35 70.89 -17.37 2.57
C ALA C 35 70.46 -18.62 3.32
N SER C 36 70.01 -19.64 2.58
CA SER C 36 69.39 -20.84 3.17
C SER C 36 68.33 -20.56 4.22
N ALA C 37 67.44 -19.62 3.93
CA ALA C 37 66.36 -19.25 4.84
C ALA C 37 65.43 -20.45 5.16
N HIS C 38 65.09 -20.60 6.43
CA HIS C 38 64.09 -21.58 6.89
C HIS C 38 62.75 -20.85 6.99
N SER C 39 61.65 -21.56 6.74
CA SER C 39 60.31 -20.98 6.92
C SER C 39 59.93 -21.09 8.37
N ILE C 40 59.21 -20.08 8.86
CA ILE C 40 58.61 -20.18 10.18
C ILE C 40 57.08 -20.05 10.08
N VAL C 41 56.55 -20.06 8.86
CA VAL C 41 55.11 -19.80 8.66
C VAL C 41 54.45 -21.00 8.00
N GLU C 42 53.35 -21.46 8.60
CA GLU C 42 52.56 -22.54 8.03
C GLU C 42 51.14 -22.00 7.92
N CYS C 43 50.62 -21.99 6.69
CA CYS C 43 49.27 -21.47 6.36
C CYS C 43 48.31 -22.62 6.01
N ASP C 44 47.13 -22.62 6.63
CA ASP C 44 46.13 -23.69 6.35
C ASP C 44 44.83 -23.01 5.92
N PRO C 45 44.65 -22.85 4.61
CA PRO C 45 43.48 -22.22 3.98
C PRO C 45 42.15 -22.83 4.47
N VAL C 46 42.14 -24.15 4.71
CA VAL C 46 40.95 -24.84 5.19
C VAL C 46 40.51 -24.42 6.60
N ARG C 47 41.44 -24.49 7.56
CA ARG C 47 41.19 -24.02 8.92
C ARG C 47 41.27 -22.49 9.06
N LYS C 48 41.62 -21.80 7.98
CA LYS C 48 41.83 -20.34 7.97
CA LYS C 48 41.73 -20.34 8.05
C LYS C 48 42.81 -19.92 9.07
N GLU C 49 43.88 -20.71 9.20
CA GLU C 49 44.87 -20.48 10.25
C GLU C 49 46.24 -20.11 9.68
N VAL C 50 46.98 -19.28 10.42
CA VAL C 50 48.42 -19.10 10.20
C VAL C 50 49.14 -19.56 11.45
N SER C 51 50.07 -20.48 11.30
CA SER C 51 50.85 -20.93 12.46
C SER C 51 52.32 -20.43 12.37
N VAL C 52 52.78 -19.71 13.38
CA VAL C 52 54.16 -19.18 13.36
C VAL C 52 55.08 -19.94 14.32
N ARG C 53 56.17 -20.47 13.77
CA ARG C 53 57.19 -21.16 14.58
C ARG C 53 58.07 -20.10 15.27
N THR C 54 58.02 -20.03 16.59
CA THR C 54 58.47 -18.84 17.29
C THR C 54 59.73 -19.03 18.10
N GLY C 55 60.19 -20.28 18.23
CA GLY C 55 61.17 -20.63 19.26
C GLY C 55 62.60 -20.75 18.75
N GLY C 56 62.82 -20.52 17.46
CA GLY C 56 64.14 -20.65 16.87
C GLY C 56 64.85 -21.95 17.25
N LEU C 57 66.07 -21.81 17.78
CA LEU C 57 66.90 -22.95 18.16
C LEU C 57 66.61 -23.35 19.61
N ALA C 58 65.95 -22.47 20.35
CA ALA C 58 65.81 -22.71 21.78
C ALA C 58 64.65 -23.65 22.07
N ASP C 59 63.54 -23.47 21.37
CA ASP C 59 62.34 -24.29 21.63
C ASP C 59 61.63 -24.67 20.34
N LYS C 60 61.92 -25.87 19.87
CA LYS C 60 61.50 -26.29 18.55
C LYS C 60 59.99 -26.50 18.50
N SER C 61 59.39 -26.70 19.67
CA SER C 61 57.96 -27.01 19.71
C SER C 61 57.11 -25.75 19.58
N SER C 62 57.52 -24.63 20.16
CA SER C 62 56.74 -23.37 20.14
C SER C 62 56.06 -22.91 18.87
N ARG C 63 54.80 -22.55 18.98
CA ARG C 63 54.04 -22.13 17.80
C ARG C 63 53.05 -21.10 18.30
N LYS C 64 52.80 -20.11 17.47
CA LYS C 64 51.73 -19.17 17.69
C LYS C 64 50.77 -19.33 16.51
N THR C 65 49.48 -19.51 16.81
CA THR C 65 48.47 -19.77 15.78
C THR C 65 47.49 -18.60 15.71
N TYR C 66 47.17 -18.14 14.52
CA TYR C 66 46.20 -17.05 14.39
C TYR C 66 45.16 -17.57 13.42
N THR C 67 43.92 -17.12 13.56
CA THR C 67 42.90 -17.50 12.56
C THR C 67 42.19 -16.30 12.00
N PHE C 68 41.99 -16.31 10.68
CA PHE C 68 41.45 -15.16 9.96
C PHE C 68 40.26 -15.56 9.11
N ASP C 69 39.78 -14.66 8.28
CA ASP C 69 38.58 -14.85 7.50
C ASP C 69 38.96 -15.68 6.30
N MET C 70 40.18 -15.44 5.84
CA MET C 70 40.75 -16.22 4.77
C MET C 70 42.25 -16.29 4.97
N VAL C 71 42.86 -17.40 4.55
CA VAL C 71 44.32 -17.48 4.53
C VAL C 71 44.85 -17.94 3.18
N PHE C 72 45.72 -17.13 2.59
CA PHE C 72 46.41 -17.50 1.35
C PHE C 72 47.89 -17.83 1.55
N GLY C 73 48.27 -19.03 1.16
CA GLY C 73 49.66 -19.47 1.22
C GLY C 73 50.46 -18.99 0.01
N ALA C 74 51.73 -19.37 0.04
CA ALA C 74 52.73 -18.91 -0.93
C ALA C 74 52.41 -19.28 -2.37
N SER C 75 51.63 -20.34 -2.57
CA SER C 75 51.31 -20.78 -3.92
CA SER C 75 51.32 -20.77 -3.93
C SER C 75 50.11 -20.04 -4.53
N THR C 76 49.43 -19.24 -3.72
CA THR C 76 48.22 -18.52 -4.16
C THR C 76 48.41 -17.70 -5.44
N LYS C 77 47.51 -17.88 -6.42
CA LYS C 77 47.55 -17.16 -7.70
CA LYS C 77 47.59 -17.13 -7.68
C LYS C 77 46.85 -15.81 -7.55
N GLN C 78 47.25 -14.83 -8.35
CA GLN C 78 46.61 -13.50 -8.31
C GLN C 78 45.08 -13.61 -8.55
N ILE C 79 44.67 -14.43 -9.52
CA ILE C 79 43.24 -14.52 -9.87
C ILE C 79 42.42 -15.03 -8.70
N ASP C 80 43.02 -15.91 -7.90
CA ASP C 80 42.38 -16.43 -6.70
C ASP C 80 42.17 -15.43 -5.56
N VAL C 81 43.16 -14.54 -5.35
CA VAL C 81 42.95 -13.45 -4.40
C VAL C 81 41.83 -12.58 -4.93
N TYR C 82 41.90 -12.25 -6.21
CA TYR C 82 40.84 -11.41 -6.77
C TYR C 82 39.46 -12.05 -6.55
N ARG C 83 39.33 -13.32 -6.94
CA ARG C 83 38.03 -14.00 -6.86
C ARG C 83 37.44 -14.12 -5.45
N SER C 84 38.25 -14.50 -4.46
CA SER C 84 37.74 -14.65 -3.10
C SER C 84 37.48 -13.32 -2.41
N VAL C 85 38.42 -12.38 -2.58
CA VAL C 85 38.33 -11.13 -1.85
C VAL C 85 37.53 -10.10 -2.59
N VAL C 86 37.80 -9.91 -3.87
CA VAL C 86 37.32 -8.68 -4.49
C VAL C 86 35.88 -8.79 -5.01
N CYS C 87 35.57 -9.91 -5.65
CA CYS C 87 34.23 -10.11 -6.25
C CYS C 87 33.07 -9.79 -5.31
N PRO C 88 33.03 -10.42 -4.14
CA PRO C 88 31.95 -10.02 -3.24
C PRO C 88 31.91 -8.52 -3.05
N ILE C 89 33.07 -7.86 -3.01
CA ILE C 89 33.10 -6.44 -2.74
C ILE C 89 32.67 -5.62 -3.94
N LEU C 90 33.08 -6.00 -5.14
CA LEU C 90 32.69 -5.27 -6.34
C LEU C 90 31.16 -5.34 -6.58
N ASP C 91 30.54 -6.44 -6.15
CA ASP C 91 29.08 -6.60 -6.25
C ASP C 91 28.37 -5.53 -5.45
N GLU C 92 28.91 -5.26 -4.26
CA GLU C 92 28.34 -4.28 -3.36
C GLU C 92 28.59 -2.86 -3.85
N VAL C 93 29.79 -2.62 -4.37
CA VAL C 93 30.04 -1.31 -4.97
C VAL C 93 29.03 -1.08 -6.11
N ILE C 94 28.73 -2.12 -6.86
CA ILE C 94 27.79 -2.00 -7.97
C ILE C 94 26.34 -1.72 -7.52
N MET C 95 26.01 -2.13 -6.30
CA MET C 95 24.76 -1.75 -5.64
C MET C 95 24.71 -0.28 -5.20
N GLY C 96 25.85 0.40 -5.23
CA GLY C 96 25.87 1.83 -4.92
C GLY C 96 26.46 2.15 -3.55
N TYR C 97 27.46 1.37 -3.16
CA TYR C 97 28.13 1.57 -1.87
C TYR C 97 29.61 1.89 -2.05
N ASN C 98 30.21 2.48 -1.03
CA ASN C 98 31.61 2.90 -1.06
C ASN C 98 32.44 1.90 -0.26
N CYS C 99 33.33 1.17 -0.92
CA CYS C 99 34.09 0.11 -0.23
C CYS C 99 35.62 0.39 -0.29
N THR C 100 36.36 -0.21 0.62
CA THR C 100 37.84 -0.09 0.65
C THR C 100 38.51 -1.42 0.88
N ILE C 101 39.56 -1.68 0.12
CA ILE C 101 40.41 -2.82 0.38
C ILE C 101 41.84 -2.29 0.62
N PHE C 102 42.41 -2.61 1.77
CA PHE C 102 43.80 -2.24 2.13
C PHE C 102 44.75 -3.42 1.93
N ALA C 103 46.02 -3.11 1.67
CA ALA C 103 47.10 -4.06 1.88
C ALA C 103 48.05 -3.49 2.92
N TYR C 104 48.42 -4.33 3.88
CA TYR C 104 49.12 -3.92 5.09
C TYR C 104 50.23 -4.94 5.39
N GLY C 105 51.41 -4.47 5.74
CA GLY C 105 52.47 -5.40 6.13
C GLY C 105 53.83 -4.79 5.82
N GLN C 106 54.91 -5.51 6.10
CA GLN C 106 56.23 -4.93 5.98
C GLN C 106 56.67 -4.81 4.52
N THR C 107 57.50 -3.80 4.26
CA THR C 107 58.06 -3.60 2.94
C THR C 107 58.65 -4.92 2.49
N GLY C 108 58.38 -5.29 1.22
CA GLY C 108 58.91 -6.52 0.66
C GLY C 108 58.00 -7.74 0.77
N THR C 109 56.88 -7.62 1.48
CA THR C 109 55.99 -8.75 1.67
C THR C 109 54.90 -8.97 0.59
N GLY C 110 54.62 -7.95 -0.22
CA GLY C 110 53.83 -8.16 -1.42
C GLY C 110 52.57 -7.30 -1.45
N LYS C 111 52.59 -6.17 -0.73
CA LYS C 111 51.48 -5.23 -0.77
C LYS C 111 51.20 -4.71 -2.18
N THR C 112 52.26 -4.30 -2.87
CA THR C 112 52.09 -3.74 -4.21
C THR C 112 51.81 -4.83 -5.25
N PHE C 113 52.42 -6.00 -5.05
CA PHE C 113 52.16 -7.16 -5.88
C PHE C 113 50.68 -7.52 -5.82
N THR C 114 50.12 -7.44 -4.62
CA THR C 114 48.72 -7.75 -4.41
C THR C 114 47.81 -6.67 -5.00
N MET C 115 48.04 -5.40 -4.67
CA MET C 115 47.12 -4.35 -5.06
C MET C 115 47.16 -3.94 -6.52
N GLU C 116 48.35 -3.98 -7.11
CA GLU C 116 48.58 -3.54 -8.47
C GLU C 116 49.02 -4.72 -9.31
N GLY C 117 49.84 -5.56 -8.69
CA GLY C 117 50.56 -6.60 -9.42
C GLY C 117 51.70 -6.04 -10.25
N GLU C 118 52.19 -6.87 -11.17
CA GLU C 118 53.34 -6.54 -11.99
C GLU C 118 53.05 -6.91 -13.44
N ARG C 119 53.87 -6.36 -14.33
CA ARG C 119 53.74 -6.60 -15.76
C ARG C 119 54.78 -7.64 -16.17
N SER C 120 54.38 -8.79 -16.72
CA SER C 120 55.32 -9.78 -17.25
C SER C 120 56.15 -9.24 -18.43
N PRO C 121 57.43 -9.63 -18.50
CA PRO C 121 58.31 -9.09 -19.55
C PRO C 121 57.88 -9.48 -20.96
N ASN C 122 58.21 -8.60 -21.92
CA ASN C 122 58.12 -8.92 -23.35
C ASN C 122 56.69 -9.09 -23.89
N GLU C 123 55.75 -8.38 -23.27
CA GLU C 123 54.36 -8.42 -23.72
CA GLU C 123 54.34 -8.45 -23.63
C GLU C 123 53.94 -9.83 -24.11
N GLU C 124 54.33 -10.83 -23.32
CA GLU C 124 53.91 -12.21 -23.50
C GLU C 124 52.40 -12.34 -23.36
N TYR C 125 51.81 -11.55 -22.45
CA TYR C 125 50.35 -11.44 -22.37
C TYR C 125 49.82 -10.01 -22.56
N THR C 126 48.55 -9.92 -22.96
CA THR C 126 47.74 -8.73 -22.79
C THR C 126 47.66 -8.34 -21.31
N TRP C 127 47.34 -7.09 -21.01
CA TRP C 127 47.23 -6.68 -19.62
C TRP C 127 46.06 -7.39 -18.94
N GLU C 128 45.06 -7.72 -19.74
CA GLU C 128 43.88 -8.40 -19.23
C GLU C 128 44.20 -9.85 -18.90
N GLU C 129 45.24 -10.38 -19.54
CA GLU C 129 45.55 -11.81 -19.44
C GLU C 129 46.75 -12.08 -18.53
N ASP C 130 47.46 -11.03 -18.15
CA ASP C 130 48.68 -11.16 -17.37
C ASP C 130 48.43 -11.88 -16.05
N PRO C 131 49.11 -13.02 -15.84
CA PRO C 131 48.97 -13.72 -14.57
C PRO C 131 49.53 -12.93 -13.39
N LEU C 132 50.36 -11.93 -13.65
CA LEU C 132 50.94 -11.17 -12.55
C LEU C 132 50.11 -9.94 -12.16
N ALA C 133 49.10 -9.63 -12.97
CA ALA C 133 48.21 -8.52 -12.67
C ALA C 133 47.58 -8.69 -11.32
N GLY C 134 47.45 -7.60 -10.55
CA GLY C 134 46.81 -7.70 -9.24
C GLY C 134 45.42 -7.08 -9.26
N ILE C 135 44.95 -6.65 -8.09
CA ILE C 135 43.55 -6.24 -7.88
C ILE C 135 43.06 -5.09 -8.77
N ILE C 136 43.88 -4.05 -8.91
CA ILE C 136 43.45 -2.85 -9.61
C ILE C 136 43.13 -3.12 -11.07
N PRO C 137 44.07 -3.76 -11.79
CA PRO C 137 43.71 -3.88 -13.20
C PRO C 137 42.57 -4.89 -13.42
N ARG C 138 42.47 -5.92 -12.56
CA ARG C 138 41.44 -6.94 -12.72
C ARG C 138 40.06 -6.35 -12.42
N THR C 139 40.00 -5.57 -11.34
CA THR C 139 38.82 -4.81 -11.00
C THR C 139 38.31 -3.99 -12.18
N LEU C 140 39.21 -3.28 -12.84
CA LEU C 140 38.78 -2.38 -13.90
C LEU C 140 38.28 -3.24 -15.04
N HIS C 141 39.01 -4.31 -15.34
CA HIS C 141 38.56 -5.22 -16.39
C HIS C 141 37.15 -5.72 -16.14
N GLN C 142 36.91 -6.22 -14.93
CA GLN C 142 35.63 -6.77 -14.53
C GLN C 142 34.49 -5.76 -14.55
N ILE C 143 34.75 -4.53 -14.11
CA ILE C 143 33.72 -3.50 -14.16
C ILE C 143 33.15 -3.36 -15.56
N PHE C 144 34.01 -3.23 -16.57
CA PHE C 144 33.54 -3.08 -17.94
C PHE C 144 32.85 -4.36 -18.44
N GLU C 145 33.45 -5.52 -18.22
CA GLU C 145 32.76 -6.81 -18.44
C GLU C 145 31.39 -6.92 -17.78
N LYS C 146 31.33 -6.76 -16.47
CA LYS C 146 30.08 -6.89 -15.74
C LYS C 146 29.02 -5.89 -16.18
N LEU C 147 29.43 -4.66 -16.45
CA LEU C 147 28.45 -3.60 -16.72
C LEU C 147 28.06 -3.50 -18.19
N THR C 148 28.96 -3.83 -19.08
CA THR C 148 28.67 -3.73 -20.48
C THR C 148 27.63 -4.77 -20.79
N ASP C 149 27.66 -5.82 -19.99
CA ASP C 149 26.51 -6.68 -19.80
C ASP C 149 25.18 -6.24 -19.18
N ASN C 150 25.14 -5.99 -17.89
CA ASN C 150 23.84 -5.79 -17.26
C ASN C 150 22.88 -5.07 -18.21
N GLY C 151 23.33 -4.03 -18.88
CA GLY C 151 22.52 -3.33 -19.83
C GLY C 151 22.54 -1.81 -19.68
N THR C 152 22.49 -1.35 -18.43
CA THR C 152 22.24 0.07 -18.12
C THR C 152 23.33 1.02 -18.63
N GLU C 153 23.03 2.32 -18.60
CA GLU C 153 24.02 3.33 -18.88
C GLU C 153 24.94 3.48 -17.66
N PHE C 154 26.23 3.60 -17.90
CA PHE C 154 27.19 3.73 -16.78
C PHE C 154 28.43 4.48 -17.21
N SER C 155 29.11 5.06 -16.22
CA SER C 155 30.37 5.75 -16.49
C SER C 155 31.36 5.41 -15.38
N VAL C 156 32.63 5.37 -15.76
CA VAL C 156 33.71 5.02 -14.84
C VAL C 156 34.74 6.14 -14.80
N LYS C 157 35.11 6.57 -13.61
CA LYS C 157 36.29 7.46 -13.50
C LYS C 157 37.27 6.95 -12.45
N VAL C 158 38.56 7.23 -12.65
CA VAL C 158 39.58 6.77 -11.72
C VAL C 158 40.43 7.94 -11.23
N SER C 159 40.95 7.81 -10.02
CA SER C 159 42.03 8.72 -9.58
C SER C 159 43.05 7.91 -8.84
N LEU C 160 44.26 8.45 -8.78
CA LEU C 160 45.38 7.78 -8.11
C LEU C 160 46.26 8.86 -7.48
N LEU C 161 46.18 8.98 -6.17
CA LEU C 161 47.03 9.92 -5.42
C LEU C 161 47.92 9.11 -4.49
N GLU C 162 49.01 9.75 -4.05
CA GLU C 162 49.89 9.16 -3.06
C GLU C 162 50.18 10.14 -1.95
N ILE C 163 50.26 9.62 -0.74
CA ILE C 163 50.52 10.40 0.46
C ILE C 163 51.95 10.06 0.92
N TYR C 164 52.79 11.08 1.01
CA TYR C 164 54.18 10.84 1.40
C TYR C 164 54.53 11.96 2.38
N ASN C 165 54.84 11.59 3.62
CA ASN C 165 55.18 12.62 4.63
C ASN C 165 54.00 13.61 4.73
N GLU C 166 52.79 13.08 4.69
CA GLU C 166 51.57 13.91 4.78
C GLU C 166 51.56 15.00 3.69
N GLU C 167 52.18 14.75 2.55
CA GLU C 167 51.99 15.57 1.35
C GLU C 167 51.24 14.70 0.36
N LEU C 168 50.49 15.32 -0.55
CA LEU C 168 49.63 14.60 -1.51
C LEU C 168 50.04 14.83 -2.95
N PHE C 169 50.31 13.73 -3.64
CA PHE C 169 50.75 13.80 -5.05
C PHE C 169 49.72 13.12 -5.95
N ASP C 170 49.53 13.64 -7.17
CA ASP C 170 48.49 13.16 -8.05
C ASP C 170 49.16 12.42 -9.21
N LEU C 171 49.08 11.10 -9.20
CA LEU C 171 49.80 10.35 -10.22
C LEU C 171 49.18 10.40 -11.63
N LEU C 172 47.92 10.79 -11.74
CA LEU C 172 47.28 10.87 -13.06
C LEU C 172 47.20 12.29 -13.62
N ASN C 173 47.69 13.27 -12.87
CA ASN C 173 47.58 14.66 -13.30
C ASN C 173 48.23 14.94 -14.65
N PRO C 174 47.61 15.78 -15.49
CA PRO C 174 48.32 16.07 -16.74
C PRO C 174 49.56 16.95 -16.51
N SER C 175 49.69 17.56 -15.35
CA SER C 175 50.92 18.30 -15.05
C SER C 175 52.14 17.38 -15.17
N SER C 176 53.16 17.80 -15.91
CA SER C 176 54.31 16.95 -16.11
C SER C 176 55.22 16.77 -14.88
N ASP C 177 55.12 17.67 -13.89
CA ASP C 177 55.91 17.57 -12.66
C ASP C 177 55.16 16.85 -11.55
N VAL C 178 55.58 15.63 -11.20
CA VAL C 178 54.85 14.88 -10.19
C VAL C 178 54.85 15.59 -8.86
N SER C 179 55.79 16.50 -8.62
CA SER C 179 55.90 17.07 -7.26
C SER C 179 54.85 18.16 -6.93
N GLU C 180 54.01 18.51 -7.90
CA GLU C 180 53.00 19.55 -7.64
C GLU C 180 51.95 18.99 -6.69
N ARG C 181 51.70 19.68 -5.57
CA ARG C 181 50.98 19.08 -4.47
C ARG C 181 49.49 19.44 -4.46
N LEU C 182 48.68 18.44 -4.10
CA LEU C 182 47.24 18.61 -3.91
C LEU C 182 47.02 19.15 -2.52
N GLN C 183 45.79 19.58 -2.21
CA GLN C 183 45.45 19.96 -0.87
C GLN C 183 44.06 19.42 -0.61
N MET C 184 43.72 19.25 0.65
CA MET C 184 42.50 18.60 1.06
C MET C 184 41.65 19.54 1.91
N PHE C 185 40.35 19.58 1.63
CA PHE C 185 39.38 20.38 2.40
C PHE C 185 38.09 19.57 2.70
N ASP C 186 37.48 19.82 3.86
CA ASP C 186 36.11 19.34 4.14
C ASP C 186 35.11 19.59 3.01
N ASP C 187 34.30 18.58 2.69
CA ASP C 187 33.26 18.73 1.65
C ASP C 187 32.03 19.36 2.29
N PRO C 188 31.69 20.60 1.88
CA PRO C 188 30.68 21.35 2.61
C PRO C 188 29.35 20.63 2.55
N ARG C 189 29.18 19.80 1.54
CA ARG C 189 28.01 18.99 1.38
C ARG C 189 28.26 17.51 1.62
N ASN C 190 28.99 17.19 2.67
CA ASN C 190 29.17 15.84 3.17
C ASN C 190 30.18 15.83 4.26
N LYS C 191 29.73 15.81 5.49
CA LYS C 191 30.65 15.99 6.58
C LYS C 191 31.40 14.73 6.96
N ARG C 192 31.28 13.73 6.14
CA ARG C 192 32.14 12.54 6.22
CA ARG C 192 32.16 12.56 6.23
C ARG C 192 33.16 12.50 5.08
N GLY C 193 33.17 13.54 4.27
CA GLY C 193 34.02 13.54 3.09
C GLY C 193 34.92 14.75 2.97
N VAL C 194 35.80 14.68 1.97
CA VAL C 194 36.70 15.79 1.68
C VAL C 194 36.74 16.06 0.20
N ILE C 195 37.24 17.25 -0.15
CA ILE C 195 37.49 17.56 -1.54
C ILE C 195 39.00 17.65 -1.66
N ILE C 196 39.57 16.87 -2.58
CA ILE C 196 41.00 16.88 -2.88
C ILE C 196 41.15 17.86 -4.04
N LYS C 197 41.46 19.10 -3.68
CA LYS C 197 41.60 20.18 -4.65
C LYS C 197 42.75 19.89 -5.58
N GLY C 198 42.48 19.89 -6.89
CA GLY C 198 43.51 19.60 -7.88
C GLY C 198 43.55 18.18 -8.45
N LEU C 199 42.84 17.26 -7.78
CA LEU C 199 42.87 15.83 -8.14
C LEU C 199 42.31 15.58 -9.54
N GLU C 200 43.10 14.93 -10.38
CA GLU C 200 42.64 14.56 -11.70
C GLU C 200 41.82 13.26 -11.63
N GLU C 201 40.58 13.32 -12.11
CA GLU C 201 39.74 12.14 -12.19
C GLU C 201 39.43 11.87 -13.65
N ILE C 202 39.97 10.76 -14.14
CA ILE C 202 39.97 10.50 -15.56
C ILE C 202 38.76 9.61 -15.85
N THR C 203 37.95 10.00 -16.83
CA THR C 203 36.84 9.15 -17.30
C THR C 203 37.42 8.09 -18.20
N VAL C 204 37.18 6.83 -17.85
CA VAL C 204 37.65 5.72 -18.64
C VAL C 204 36.47 5.23 -19.50
N HIS C 205 36.54 5.45 -20.80
CA HIS C 205 35.36 5.32 -21.66
C HIS C 205 35.09 3.86 -21.98
N ASN C 206 36.15 3.07 -22.03
CA ASN C 206 36.05 1.65 -22.30
C ASN C 206 37.32 0.93 -21.85
N LYS C 207 37.27 -0.40 -21.81
CA LYS C 207 38.40 -1.17 -21.30
C LYS C 207 39.71 -0.91 -22.05
N ASP C 208 39.62 -0.43 -23.29
CA ASP C 208 40.83 -0.14 -24.08
C ASP C 208 41.49 1.17 -23.70
N GLU C 209 40.93 1.89 -22.74
CA GLU C 209 41.56 3.14 -22.28
C GLU C 209 42.35 2.91 -21.00
N VAL C 210 42.14 1.75 -20.39
CA VAL C 210 42.58 1.49 -19.02
C VAL C 210 44.11 1.47 -18.96
N TYR C 211 44.72 0.76 -19.89
CA TYR C 211 46.14 0.47 -19.76
C TYR C 211 47.06 1.69 -19.86
N GLN C 212 46.82 2.54 -20.86
CA GLN C 212 47.55 3.80 -20.99
C GLN C 212 47.49 4.67 -19.73
N ILE C 213 46.34 4.73 -19.09
CA ILE C 213 46.16 5.47 -17.85
C ILE C 213 47.03 4.93 -16.71
N LEU C 214 47.03 3.60 -16.56
CA LEU C 214 47.86 2.92 -15.56
C LEU C 214 49.36 3.08 -15.86
N GLU C 215 49.73 2.99 -17.13
CA GLU C 215 51.09 3.17 -17.59
C GLU C 215 51.63 4.57 -17.27
N LYS C 216 50.81 5.58 -17.46
CA LYS C 216 51.23 6.94 -17.15
C LYS C 216 51.38 7.18 -15.66
N GLY C 217 50.47 6.63 -14.86
CA GLY C 217 50.54 6.72 -13.40
C GLY C 217 51.82 6.09 -12.86
N ALA C 218 52.10 4.88 -13.31
CA ALA C 218 53.34 4.18 -13.00
C ALA C 218 54.60 4.98 -13.37
N ALA C 219 54.61 5.66 -14.50
CA ALA C 219 55.78 6.41 -14.96
C ALA C 219 55.99 7.60 -14.04
N LYS C 220 54.88 8.19 -13.58
CA LYS C 220 54.98 9.32 -12.66
C LYS C 220 55.46 8.87 -11.29
N ARG C 221 55.06 7.71 -10.87
CA ARG C 221 55.53 7.15 -9.62
C ARG C 221 57.05 6.85 -9.66
N THR C 222 57.50 6.34 -10.77
CA THR C 222 58.92 6.09 -11.00
C THR C 222 59.73 7.36 -10.86
N THR C 223 59.25 8.45 -11.46
CA THR C 223 59.85 9.75 -11.21
C THR C 223 59.81 10.16 -9.74
N ALA C 224 58.67 10.05 -9.08
CA ALA C 224 58.62 10.43 -7.66
C ALA C 224 59.69 9.71 -6.83
N ALA C 225 59.89 8.43 -7.09
CA ALA C 225 60.82 7.62 -6.27
C ALA C 225 62.25 8.13 -6.42
N THR C 226 62.47 8.88 -7.49
CA THR C 226 63.76 9.43 -7.90
C THR C 226 63.98 10.77 -7.15
N LEU C 227 62.92 11.30 -6.58
CA LEU C 227 62.91 12.66 -6.04
C LEU C 227 62.95 12.67 -4.52
N MET C 228 62.41 11.61 -3.92
CA MET C 228 62.12 11.67 -2.51
C MET C 228 62.65 10.40 -1.86
N ASN C 229 63.25 10.54 -0.69
CA ASN C 229 63.87 9.39 -0.01
C ASN C 229 62.86 8.29 0.40
N ALA C 230 63.18 7.03 0.08
CA ALA C 230 62.39 5.85 0.46
C ALA C 230 60.92 6.05 0.08
N TYR C 231 60.70 6.62 -1.10
CA TYR C 231 59.38 7.12 -1.47
C TYR C 231 58.34 5.98 -1.48
N SER C 232 58.66 4.86 -2.12
CA SER C 232 57.63 3.86 -2.32
CA SER C 232 57.71 3.77 -2.36
C SER C 232 57.34 3.01 -1.10
N SER C 233 58.27 2.96 -0.15
CA SER C 233 58.07 2.21 1.09
C SER C 233 57.37 3.06 2.15
N ARG C 234 57.55 4.38 2.08
CA ARG C 234 56.90 5.30 3.01
C ARG C 234 55.56 5.83 2.49
N SER C 235 55.32 5.69 1.18
CA SER C 235 54.13 6.28 0.57
C SER C 235 52.92 5.39 0.83
N HIS C 236 51.76 6.00 0.99
CA HIS C 236 50.47 5.28 0.89
C HIS C 236 49.94 5.59 -0.51
N SER C 237 49.34 4.60 -1.14
CA SER C 237 48.83 4.75 -2.49
C SER C 237 47.29 4.52 -2.49
N VAL C 238 46.51 5.48 -3.00
CA VAL C 238 45.05 5.39 -2.95
C VAL C 238 44.50 5.45 -4.37
N PHE C 239 44.19 4.29 -4.93
CA PHE C 239 43.56 4.22 -6.23
C PHE C 239 42.04 4.17 -5.99
N SER C 240 41.31 5.10 -6.61
CA SER C 240 39.87 5.18 -6.39
C SER C 240 39.15 4.98 -7.71
N VAL C 241 38.16 4.09 -7.75
CA VAL C 241 37.31 3.92 -8.95
C VAL C 241 35.85 4.26 -8.57
N THR C 242 35.25 5.20 -9.28
CA THR C 242 33.89 5.65 -9.01
C THR C 242 33.06 5.26 -10.24
N ILE C 243 31.93 4.59 -10.00
CA ILE C 243 31.01 4.15 -11.08
C ILE C 243 29.68 4.85 -10.89
N HIS C 244 29.26 5.58 -11.92
CA HIS C 244 27.92 6.21 -11.95
C HIS C 244 27.07 5.35 -12.87
N MET C 245 25.93 4.92 -12.36
CA MET C 245 25.02 4.06 -13.13
C MET C 245 23.64 4.70 -13.18
N LYS C 246 23.13 4.93 -14.39
CA LYS C 246 21.84 5.60 -14.56
C LYS C 246 20.73 4.59 -14.90
N GLU C 247 19.56 4.84 -14.31
CA GLU C 247 18.28 4.25 -14.73
C GLU C 247 17.29 5.37 -15.04
N THR C 248 16.30 5.11 -15.91
CA THR C 248 15.18 6.03 -16.05
C THR C 248 13.90 5.36 -15.52
N THR C 249 13.00 6.17 -14.98
CA THR C 249 11.67 5.68 -14.61
CA THR C 249 11.66 5.74 -14.60
C THR C 249 10.78 5.67 -15.85
N ILE C 250 9.60 5.07 -15.72
CA ILE C 250 8.63 5.05 -16.80
C ILE C 250 8.20 6.46 -17.16
N ASP C 251 8.32 7.43 -16.25
CA ASP C 251 8.05 8.82 -16.60
CA ASP C 251 8.04 8.82 -16.64
C ASP C 251 9.27 9.66 -16.97
N GLY C 252 10.38 9.00 -17.27
CA GLY C 252 11.58 9.67 -17.79
C GLY C 252 12.44 10.36 -16.76
N GLU C 253 12.16 10.15 -15.47
CA GLU C 253 13.05 10.63 -14.43
C GLU C 253 14.31 9.77 -14.32
N GLU C 254 15.43 10.41 -13.96
CA GLU C 254 16.74 9.75 -13.85
C GLU C 254 17.03 9.23 -12.44
N LEU C 255 17.40 7.96 -12.35
CA LEU C 255 17.81 7.35 -11.09
C LEU C 255 19.30 7.02 -11.18
N VAL C 256 20.11 7.74 -10.43
CA VAL C 256 21.56 7.54 -10.43
C VAL C 256 22.02 6.79 -9.19
N LYS C 257 22.72 5.69 -9.36
CA LYS C 257 23.42 5.14 -8.20
C LYS C 257 24.93 5.23 -8.41
N ILE C 258 25.63 5.59 -7.35
CA ILE C 258 27.09 5.81 -7.42
C ILE C 258 27.78 4.79 -6.54
N GLY C 259 28.67 4.02 -7.14
CA GLY C 259 29.55 3.14 -6.36
C GLY C 259 31.00 3.63 -6.38
N LYS C 260 31.72 3.40 -5.28
CA LYS C 260 33.15 3.74 -5.21
C LYS C 260 33.95 2.63 -4.49
N LEU C 261 35.06 2.23 -5.10
CA LEU C 261 36.01 1.28 -4.51
C LEU C 261 37.38 2.00 -4.37
N ASN C 262 37.89 2.06 -3.14
CA ASN C 262 39.27 2.47 -2.85
C ASN C 262 40.18 1.29 -2.63
N LEU C 263 41.15 1.16 -3.52
CA LEU C 263 42.22 0.17 -3.41
C LEU C 263 43.47 0.87 -2.82
N VAL C 264 43.83 0.49 -1.60
CA VAL C 264 44.84 1.22 -0.81
C VAL C 264 46.03 0.30 -0.51
N ASP C 265 47.18 0.72 -1.02
CA ASP C 265 48.46 0.05 -0.82
C ASP C 265 49.27 0.86 0.24
N LEU C 266 49.21 0.45 1.51
CA LEU C 266 49.67 1.30 2.62
C LEU C 266 51.20 1.41 2.64
N ALA C 267 51.73 2.41 3.34
CA ALA C 267 53.15 2.42 3.71
C ALA C 267 53.56 1.13 4.44
N GLY C 268 54.81 0.72 4.27
CA GLY C 268 55.33 -0.43 4.99
C GLY C 268 55.14 -0.27 6.49
N SER C 269 54.78 -1.35 7.13
CA SER C 269 54.49 -1.33 8.55
C SER C 269 55.72 -1.52 9.41
N GLU C 270 56.90 -1.70 8.81
CA GLU C 270 58.09 -2.08 9.60
C GLU C 270 58.41 -1.06 10.67
N ASN C 271 58.97 -1.53 11.79
CA ASN C 271 59.36 -0.61 12.87
C ASN C 271 60.86 -0.60 13.19
N ASN C 289 55.19 7.99 10.53
CA ASN C 289 54.13 7.95 9.49
C ASN C 289 52.76 8.21 10.10
N GLN C 290 52.33 9.46 10.03
CA GLN C 290 51.11 9.93 10.67
C GLN C 290 49.86 9.23 10.12
N SER C 291 49.77 9.14 8.80
CA SER C 291 48.63 8.44 8.22
C SER C 291 48.57 6.98 8.65
N LEU C 292 49.73 6.34 8.78
CA LEU C 292 49.72 4.93 9.20
C LEU C 292 49.27 4.71 10.65
N LEU C 293 49.79 5.52 11.57
CA LEU C 293 49.42 5.53 13.00
C LEU C 293 47.92 5.68 13.17
N THR C 294 47.41 6.73 12.56
CA THR C 294 46.00 7.12 12.69
C THR C 294 45.06 6.02 12.17
N LEU C 295 45.37 5.45 11.00
CA LEU C 295 44.61 4.30 10.49
C LEU C 295 44.44 3.18 11.51
N GLY C 296 45.52 2.84 12.21
CA GLY C 296 45.45 1.75 13.19
C GLY C 296 44.50 2.14 14.30
N ARG C 297 44.72 3.35 14.83
CA ARG C 297 43.77 3.98 15.77
C ARG C 297 42.32 3.95 15.28
N VAL C 298 42.10 4.24 14.01
CA VAL C 298 40.74 4.32 13.50
C VAL C 298 40.11 2.95 13.42
N ILE C 299 40.90 1.98 12.94
CA ILE C 299 40.45 0.60 12.87
C ILE C 299 40.16 0.09 14.28
N THR C 300 41.00 0.50 15.23
CA THR C 300 40.87 0.09 16.63
C THR C 300 39.62 0.68 17.30
N ALA C 301 39.34 1.95 17.02
CA ALA C 301 38.11 2.56 17.49
C ALA C 301 36.90 1.94 16.78
N LEU C 302 37.03 1.65 15.48
CA LEU C 302 35.90 1.10 14.74
C LEU C 302 35.56 -0.31 15.24
N VAL C 303 36.55 -0.96 15.83
CA VAL C 303 36.39 -2.34 16.21
C VAL C 303 35.89 -2.46 17.63
N GLU C 304 36.57 -1.78 18.54
CA GLU C 304 36.10 -1.63 19.91
C GLU C 304 35.01 -0.54 19.96
N ARG C 305 34.21 -0.52 18.91
CA ARG C 305 33.13 0.45 18.68
C ARG C 305 33.16 1.74 19.50
N THR C 306 34.35 2.22 19.87
CA THR C 306 34.53 3.48 20.60
C THR C 306 33.80 4.72 20.06
N PRO C 307 33.17 5.53 20.92
CA PRO C 307 32.28 6.59 20.46
C PRO C 307 32.94 7.53 19.44
N HIS C 308 34.18 7.93 19.71
CA HIS C 308 34.88 8.93 18.90
C HIS C 308 36.00 8.34 18.01
N VAL C 309 35.73 8.29 16.72
CA VAL C 309 36.63 7.70 15.73
C VAL C 309 37.47 8.74 15.04
N PRO C 310 38.77 8.55 15.11
CA PRO C 310 39.76 9.59 14.91
C PRO C 310 40.13 10.01 13.49
N TYR C 311 39.17 10.00 12.60
CA TYR C 311 39.41 10.29 11.21
C TYR C 311 40.18 11.56 10.92
N ARG C 312 39.91 12.61 11.65
CA ARG C 312 40.46 13.92 11.30
C ARG C 312 41.98 13.93 11.46
N GLU C 313 42.50 12.99 12.24
CA GLU C 313 43.92 13.01 12.61
C GLU C 313 44.97 12.71 11.52
N SER C 314 44.59 12.18 10.36
CA SER C 314 45.54 12.06 9.26
C SER C 314 44.94 12.28 7.88
N LYS C 315 45.79 12.60 6.91
CA LYS C 315 45.35 12.69 5.53
C LYS C 315 44.62 11.40 5.11
N LEU C 316 45.20 10.24 5.43
CA LEU C 316 44.70 8.98 4.90
C LEU C 316 43.30 8.66 5.42
N THR C 317 43.11 8.78 6.72
CA THR C 317 41.85 8.46 7.32
C THR C 317 40.73 9.46 7.03
N ARG C 318 41.07 10.73 6.79
CA ARG C 318 40.09 11.70 6.26
C ARG C 318 39.65 11.37 4.84
N ILE C 319 40.58 10.93 4.00
CA ILE C 319 40.27 10.56 2.62
C ILE C 319 39.35 9.34 2.60
N LEU C 320 39.56 8.41 3.52
CA LEU C 320 38.77 7.18 3.52
C LEU C 320 37.55 7.13 4.43
N GLN C 321 37.41 8.13 5.31
CA GLN C 321 36.35 8.17 6.30
C GLN C 321 34.99 7.79 5.69
N ASP C 322 34.73 8.33 4.52
CA ASP C 322 33.40 8.29 3.94
C ASP C 322 33.11 6.91 3.32
N SER C 323 34.13 6.06 3.24
CA SER C 323 33.92 4.68 2.83
C SER C 323 34.18 3.67 3.95
N LEU C 324 34.38 4.17 5.16
CA LEU C 324 34.56 3.35 6.35
C LEU C 324 33.43 3.68 7.31
N GLY C 325 33.25 2.85 8.33
CA GLY C 325 32.18 3.09 9.31
C GLY C 325 31.38 1.83 9.60
N GLY C 326 31.07 1.06 8.58
CA GLY C 326 30.51 -0.27 8.80
C GLY C 326 29.26 -0.53 8.00
N ARG C 327 28.71 0.52 7.37
CA ARG C 327 27.67 0.31 6.36
C ARG C 327 28.29 -0.51 5.22
N THR C 328 29.57 -0.25 4.99
CA THR C 328 30.27 -0.76 3.82
C THR C 328 31.19 -1.93 4.19
N ARG C 329 31.42 -2.81 3.23
CA ARG C 329 32.39 -3.88 3.38
C ARG C 329 33.80 -3.31 3.27
N THR C 330 34.61 -3.61 4.29
CA THR C 330 36.02 -3.23 4.35
C THR C 330 36.88 -4.48 4.55
N SER C 331 37.95 -4.60 3.77
CA SER C 331 38.81 -5.79 3.86
C SER C 331 40.27 -5.37 4.00
N ILE C 332 41.02 -6.09 4.81
CA ILE C 332 42.47 -5.84 4.94
C ILE C 332 43.15 -7.12 4.55
N ILE C 333 44.06 -7.00 3.58
CA ILE C 333 44.93 -8.09 3.24
C ILE C 333 46.28 -7.84 3.92
N ALA C 334 46.60 -8.58 4.98
CA ALA C 334 47.92 -8.52 5.65
C ALA C 334 48.89 -9.44 4.94
N THR C 335 49.95 -8.86 4.39
CA THR C 335 50.97 -9.61 3.69
C THR C 335 52.16 -9.89 4.62
N ILE C 336 52.68 -11.13 4.54
CA ILE C 336 53.82 -11.53 5.39
C ILE C 336 54.82 -12.33 4.54
N SER C 337 56.00 -12.56 5.12
CA SER C 337 57.14 -13.20 4.46
C SER C 337 57.23 -14.52 5.23
N PRO C 338 57.72 -15.59 4.59
CA PRO C 338 57.83 -16.83 5.35
C PRO C 338 59.11 -16.98 6.16
N ALA C 339 60.09 -16.07 5.97
CA ALA C 339 61.45 -16.30 6.50
C ALA C 339 61.61 -16.10 7.99
N SER C 340 62.42 -16.98 8.57
CA SER C 340 62.83 -16.87 9.97
C SER C 340 63.44 -15.49 10.27
N LEU C 341 64.21 -14.94 9.36
CA LEU C 341 64.82 -13.61 9.60
C LEU C 341 63.74 -12.57 9.99
N ASN C 342 62.57 -12.69 9.37
CA ASN C 342 61.51 -11.70 9.55
C ASN C 342 60.52 -12.00 10.65
N LEU C 343 60.86 -12.94 11.53
CA LEU C 343 60.01 -13.26 12.69
C LEU C 343 59.24 -12.12 13.41
N GLU C 344 59.96 -11.12 13.92
CA GLU C 344 59.34 -10.09 14.74
CA GLU C 344 59.33 -10.09 14.75
C GLU C 344 58.37 -9.26 13.91
N GLU C 345 58.75 -8.92 12.66
CA GLU C 345 57.82 -8.15 11.86
C GLU C 345 56.60 -8.99 11.43
N THR C 346 56.81 -10.27 11.17
CA THR C 346 55.70 -11.16 10.82
C THR C 346 54.66 -11.26 11.96
N LEU C 347 55.15 -11.49 13.18
CA LEU C 347 54.33 -11.45 14.37
C LEU C 347 53.67 -10.10 14.56
N SER C 348 54.41 -9.00 14.36
CA SER C 348 53.77 -7.70 14.48
C SER C 348 52.59 -7.48 13.49
N THR C 349 52.73 -7.93 12.25
CA THR C 349 51.69 -7.78 11.24
C THR C 349 50.48 -8.64 11.60
N LEU C 350 50.76 -9.85 12.05
CA LEU C 350 49.69 -10.77 12.46
C LEU C 350 48.96 -10.23 13.69
N GLU C 351 49.66 -9.67 14.65
CA GLU C 351 49.00 -9.07 15.78
C GLU C 351 48.12 -7.90 15.38
N TYR C 352 48.62 -7.08 14.47
CA TYR C 352 47.83 -6.01 13.89
C TYR C 352 46.52 -6.50 13.24
N ALA C 353 46.65 -7.43 12.30
CA ALA C 353 45.50 -8.03 11.65
C ALA C 353 44.50 -8.57 12.69
N HIS C 354 45.02 -9.33 13.65
CA HIS C 354 44.27 -9.90 14.76
C HIS C 354 43.42 -8.92 15.57
N ARG C 355 44.02 -7.80 15.98
CA ARG C 355 43.28 -6.69 16.59
C ARG C 355 42.21 -6.07 15.68
N ALA C 356 42.36 -6.17 14.36
CA ALA C 356 41.38 -5.57 13.46
C ALA C 356 40.14 -6.46 13.36
N LYS C 357 40.30 -7.71 13.76
CA LYS C 357 39.15 -8.58 13.98
C LYS C 357 39.59 -9.80 14.76
N ASN C 358 39.34 -9.76 16.07
CA ASN C 358 39.72 -10.83 16.97
C ASN C 358 38.85 -12.07 16.71
N ILE C 359 39.36 -13.00 15.91
CA ILE C 359 38.73 -14.30 15.72
C ILE C 359 39.36 -15.28 16.68
N LEU C 360 38.57 -16.17 17.28
CA LEU C 360 39.07 -17.13 18.26
C LEU C 360 39.66 -18.38 17.57
N ASN C 361 40.77 -18.91 18.08
CA ASN C 361 41.30 -20.19 17.59
C ASN C 361 40.39 -21.34 18.00
N LYS C 362 40.14 -22.27 17.10
CA LYS C 362 39.35 -23.46 17.41
C LYS C 362 40.23 -24.71 17.57
N PRO C 363 39.74 -25.70 18.33
CA PRO C 363 40.55 -26.85 18.79
C PRO C 363 41.38 -27.50 17.68
#